data_6QT6
# 
_entry.id   6QT6 
# 
_audit_conform.dict_name       mmcif_pdbx.dic 
_audit_conform.dict_version    5.383 
_audit_conform.dict_location   http://mmcif.pdb.org/dictionaries/ascii/mmcif_pdbx.dic 
# 
loop_
_database_2.database_id 
_database_2.database_code 
_database_2.pdbx_database_accession 
_database_2.pdbx_DOI 
PDB   6QT6         pdb_00006qt6 10.2210/pdb6qt6/pdb 
WWPDB D_1292100824 ?            ?                   
# 
loop_
_pdbx_audit_revision_history.ordinal 
_pdbx_audit_revision_history.data_content_type 
_pdbx_audit_revision_history.major_revision 
_pdbx_audit_revision_history.minor_revision 
_pdbx_audit_revision_history.revision_date 
1 'Structure model' 1 0 2019-07-17 
2 'Structure model' 1 1 2024-01-24 
# 
_pdbx_audit_revision_details.ordinal             1 
_pdbx_audit_revision_details.revision_ordinal    1 
_pdbx_audit_revision_details.data_content_type   'Structure model' 
_pdbx_audit_revision_details.provider            repository 
_pdbx_audit_revision_details.type                'Initial release' 
_pdbx_audit_revision_details.description         ? 
_pdbx_audit_revision_details.details             ? 
# 
loop_
_pdbx_audit_revision_group.ordinal 
_pdbx_audit_revision_group.revision_ordinal 
_pdbx_audit_revision_group.data_content_type 
_pdbx_audit_revision_group.group 
1 2 'Structure model' 'Data collection'        
2 2 'Structure model' 'Database references'    
3 2 'Structure model' 'Derived calculations'   
4 2 'Structure model' 'Refinement description' 
# 
loop_
_pdbx_audit_revision_category.ordinal 
_pdbx_audit_revision_category.revision_ordinal 
_pdbx_audit_revision_category.data_content_type 
_pdbx_audit_revision_category.category 
1 2 'Structure model' chem_comp_atom                
2 2 'Structure model' chem_comp_bond                
3 2 'Structure model' database_2                    
4 2 'Structure model' pdbx_initial_refinement_model 
5 2 'Structure model' pdbx_struct_conn_angle        
6 2 'Structure model' struct_conn                   
# 
loop_
_pdbx_audit_revision_item.ordinal 
_pdbx_audit_revision_item.revision_ordinal 
_pdbx_audit_revision_item.data_content_type 
_pdbx_audit_revision_item.item 
1  2 'Structure model' '_database_2.pdbx_DOI'                        
2  2 'Structure model' '_database_2.pdbx_database_accession'         
3  2 'Structure model' '_pdbx_struct_conn_angle.ptnr1_auth_comp_id'  
4  2 'Structure model' '_pdbx_struct_conn_angle.ptnr1_auth_seq_id'   
5  2 'Structure model' '_pdbx_struct_conn_angle.ptnr1_label_alt_id'  
6  2 'Structure model' '_pdbx_struct_conn_angle.ptnr1_label_asym_id' 
7  2 'Structure model' '_pdbx_struct_conn_angle.ptnr1_label_atom_id' 
8  2 'Structure model' '_pdbx_struct_conn_angle.ptnr1_label_comp_id' 
9  2 'Structure model' '_pdbx_struct_conn_angle.ptnr1_label_seq_id'  
10 2 'Structure model' '_pdbx_struct_conn_angle.ptnr1_symmetry'      
11 2 'Structure model' '_pdbx_struct_conn_angle.ptnr3_auth_comp_id'  
12 2 'Structure model' '_pdbx_struct_conn_angle.ptnr3_auth_seq_id'   
13 2 'Structure model' '_pdbx_struct_conn_angle.ptnr3_label_alt_id'  
14 2 'Structure model' '_pdbx_struct_conn_angle.ptnr3_label_asym_id' 
15 2 'Structure model' '_pdbx_struct_conn_angle.ptnr3_label_atom_id' 
16 2 'Structure model' '_pdbx_struct_conn_angle.ptnr3_label_comp_id' 
17 2 'Structure model' '_pdbx_struct_conn_angle.ptnr3_label_seq_id'  
18 2 'Structure model' '_pdbx_struct_conn_angle.ptnr3_symmetry'      
19 2 'Structure model' '_pdbx_struct_conn_angle.value'               
20 2 'Structure model' '_struct_conn.pdbx_dist_value'                
21 2 'Structure model' '_struct_conn.pdbx_ptnr2_label_alt_id'        
22 2 'Structure model' '_struct_conn.ptnr1_auth_comp_id'             
23 2 'Structure model' '_struct_conn.ptnr1_auth_seq_id'              
24 2 'Structure model' '_struct_conn.ptnr1_label_asym_id'            
25 2 'Structure model' '_struct_conn.ptnr1_label_atom_id'            
26 2 'Structure model' '_struct_conn.ptnr1_label_comp_id'            
27 2 'Structure model' '_struct_conn.ptnr1_label_seq_id'             
28 2 'Structure model' '_struct_conn.ptnr2_auth_comp_id'             
29 2 'Structure model' '_struct_conn.ptnr2_auth_seq_id'              
30 2 'Structure model' '_struct_conn.ptnr2_label_asym_id'            
31 2 'Structure model' '_struct_conn.ptnr2_label_atom_id'            
32 2 'Structure model' '_struct_conn.ptnr2_label_comp_id'            
33 2 'Structure model' '_struct_conn.ptnr2_symmetry'                 
# 
_pdbx_database_status.status_code                     REL 
_pdbx_database_status.status_code_sf                  REL 
_pdbx_database_status.status_code_mr                  ? 
_pdbx_database_status.entry_id                        6QT6 
_pdbx_database_status.recvd_initial_deposition_date   2019-02-22 
_pdbx_database_status.SG_entry                        N 
_pdbx_database_status.deposit_site                    PDBE 
_pdbx_database_status.process_site                    PDBE 
_pdbx_database_status.status_code_cs                  ? 
_pdbx_database_status.methods_development_category    ? 
_pdbx_database_status.pdb_format_compatible           Y 
_pdbx_database_status.status_code_nmr_data            ? 
# 
loop_
_pdbx_database_related.db_name 
_pdbx_database_related.details 
_pdbx_database_related.db_id 
_pdbx_database_related.content_type 
PDB 'Same Raddam experiement from the same crystal' 6QT1 unspecified 
PDB .                                               6QT2 unspecified 
PDB .                                               6QT3 unspecified 
PDB .                                               6QT4 unspecified 
PDB .                                               6QT5 unspecified 
PDB .                                               6QT7 unspecified 
# 
loop_
_audit_author.name 
_audit_author.pdbx_ordinal 
_audit_author.identifier_ORCID 
'Bugris, V.'      1 0000-0002-3786-6428 
'Harmat, V.'      2 0000-0002-1866-9904 
'Ferenc, G.'      3 ?                   
'Brockhauser, S.' 4 0000-0002-9700-4803 
'Carmichael, I.'  5 0000-0002-4651-5080 
'Garman, E.F.'    6 0000-0001-8329-5665 
# 
_citation.abstract                  ? 
_citation.abstract_id_CAS           ? 
_citation.book_id_ISBN              ? 
_citation.book_publisher            ? 
_citation.book_publisher_city       ? 
_citation.book_title                ? 
_citation.coordinate_linkage        ? 
_citation.country                   US 
_citation.database_id_Medline       ? 
_citation.details                   ? 
_citation.id                        primary 
_citation.journal_abbrev            'J.Synchrotron Radiat.' 
_citation.journal_id_ASTM           JSYRES 
_citation.journal_id_CSD            ? 
_citation.journal_id_ISSN           1600-5775 
_citation.journal_full              ? 
_citation.journal_issue             ? 
_citation.journal_volume            26 
_citation.language                  ? 
_citation.page_first                998 
_citation.page_last                 1009 
_citation.title                     'Radiation-damage investigation of a DNA 16-mer.' 
_citation.year                      2019 
_citation.database_id_CSD           ? 
_citation.pdbx_database_id_DOI      10.1107/S160057751900763X 
_citation.pdbx_database_id_PubMed   31274421 
_citation.unpublished_flag          ? 
# 
loop_
_citation_author.citation_id 
_citation_author.name 
_citation_author.ordinal 
_citation_author.identifier_ORCID 
primary 'Bugris, V.'      1 ?                   
primary 'Harmat, V.'      2 0000-0002-1866-9904 
primary 'Ferenc, G.'      3 ?                   
primary 'Brockhauser, S.' 4 0000-0002-9700-4803 
primary 'Carmichael, I.'  5 ?                   
primary 'Garman, E.F.'    6 0000-0001-8329-5665 
# 
loop_
_entity.id 
_entity.type 
_entity.src_method 
_entity.pdbx_description 
_entity.formula_weight 
_entity.pdbx_number_of_molecules 
_entity.pdbx_ec 
_entity.pdbx_mutation 
_entity.pdbx_fragment 
_entity.details 
1 polymer     syn 
;DNA (5'-D(*GP*CP*TP*GP*GP*AP*AP*AP*TP*TP*TP*CP*CP*AP*GP*C)-3')
;
4898.191 1  ? ? ? 
;Self complementary model DNA sequence derived from kB33 DNA segment. The present sequence is one nucleotide shorter than that of PDB structure 1SGS
;
2 non-polymer syn 'CALCIUM ION'                                                    40.078   6  ? ? ? ? 
3 water       nat water                                                            18.015   38 ? ? ? ? 
# 
_entity_poly.entity_id                      1 
_entity_poly.type                           polydeoxyribonucleotide 
_entity_poly.nstd_linkage                   no 
_entity_poly.nstd_monomer                   no 
_entity_poly.pdbx_seq_one_letter_code       '(DG)(DC)(DT)(DG)(DG)(DA)(DA)(DA)(DT)(DT)(DT)(DC)(DC)(DA)(DG)(DC)' 
_entity_poly.pdbx_seq_one_letter_code_can   GCTGGAAATTTCCAGC 
_entity_poly.pdbx_strand_id                 A 
_entity_poly.pdbx_target_identifier         ? 
# 
loop_
_pdbx_entity_nonpoly.entity_id 
_pdbx_entity_nonpoly.name 
_pdbx_entity_nonpoly.comp_id 
2 'CALCIUM ION' CA  
3 water         HOH 
# 
loop_
_entity_poly_seq.entity_id 
_entity_poly_seq.num 
_entity_poly_seq.mon_id 
_entity_poly_seq.hetero 
1 1  DG n 
1 2  DC n 
1 3  DT n 
1 4  DG n 
1 5  DG n 
1 6  DA n 
1 7  DA n 
1 8  DA n 
1 9  DT n 
1 10 DT n 
1 11 DT n 
1 12 DC n 
1 13 DC n 
1 14 DA n 
1 15 DG n 
1 16 DC n 
# 
_pdbx_entity_src_syn.entity_id              1 
_pdbx_entity_src_syn.pdbx_src_id            1 
_pdbx_entity_src_syn.pdbx_alt_source_flag   sample 
_pdbx_entity_src_syn.pdbx_beg_seq_num       1 
_pdbx_entity_src_syn.pdbx_end_seq_num       16 
_pdbx_entity_src_syn.organism_scientific    'synthetic construct' 
_pdbx_entity_src_syn.organism_common_name   ? 
_pdbx_entity_src_syn.ncbi_taxonomy_id       32630 
_pdbx_entity_src_syn.details                ? 
# 
loop_
_chem_comp.id 
_chem_comp.type 
_chem_comp.mon_nstd_flag 
_chem_comp.name 
_chem_comp.pdbx_synonyms 
_chem_comp.formula 
_chem_comp.formula_weight 
CA  non-polymer   . 'CALCIUM ION'                        ? 'Ca 2'            40.078  
DA  'DNA linking' y "2'-DEOXYADENOSINE-5'-MONOPHOSPHATE" ? 'C10 H14 N5 O6 P' 331.222 
DC  'DNA linking' y "2'-DEOXYCYTIDINE-5'-MONOPHOSPHATE"  ? 'C9 H14 N3 O7 P'  307.197 
DG  'DNA linking' y "2'-DEOXYGUANOSINE-5'-MONOPHOSPHATE" ? 'C10 H14 N5 O7 P' 347.221 
DT  'DNA linking' y "THYMIDINE-5'-MONOPHOSPHATE"         ? 'C10 H15 N2 O8 P' 322.208 
HOH non-polymer   . WATER                                ? 'H2 O'            18.015  
# 
loop_
_pdbx_poly_seq_scheme.asym_id 
_pdbx_poly_seq_scheme.entity_id 
_pdbx_poly_seq_scheme.seq_id 
_pdbx_poly_seq_scheme.mon_id 
_pdbx_poly_seq_scheme.ndb_seq_num 
_pdbx_poly_seq_scheme.pdb_seq_num 
_pdbx_poly_seq_scheme.auth_seq_num 
_pdbx_poly_seq_scheme.pdb_mon_id 
_pdbx_poly_seq_scheme.auth_mon_id 
_pdbx_poly_seq_scheme.pdb_strand_id 
_pdbx_poly_seq_scheme.pdb_ins_code 
_pdbx_poly_seq_scheme.hetero 
A 1 1  DG 1  2  2  DG DG A . n 
A 1 2  DC 2  3  3  DC DC A . n 
A 1 3  DT 3  4  4  DT DT A . n 
A 1 4  DG 4  5  5  DG DG A . n 
A 1 5  DG 5  6  6  DG DG A . n 
A 1 6  DA 6  7  7  DA DA A . n 
A 1 7  DA 7  8  8  DA DA A . n 
A 1 8  DA 8  9  9  DA DA A . n 
A 1 9  DT 9  10 10 DT DT A . n 
A 1 10 DT 10 11 11 DT DT A . n 
A 1 11 DT 11 12 12 DT DT A . n 
A 1 12 DC 12 13 13 DC DC A . n 
A 1 13 DC 13 14 14 DC DC A . n 
A 1 14 DA 14 15 15 DA DA A . n 
A 1 15 DG 15 16 16 DG DG A . n 
A 1 16 DC 16 17 17 DC DC A . n 
# 
loop_
_pdbx_nonpoly_scheme.asym_id 
_pdbx_nonpoly_scheme.entity_id 
_pdbx_nonpoly_scheme.mon_id 
_pdbx_nonpoly_scheme.ndb_seq_num 
_pdbx_nonpoly_scheme.pdb_seq_num 
_pdbx_nonpoly_scheme.auth_seq_num 
_pdbx_nonpoly_scheme.pdb_mon_id 
_pdbx_nonpoly_scheme.auth_mon_id 
_pdbx_nonpoly_scheme.pdb_strand_id 
_pdbx_nonpoly_scheme.pdb_ins_code 
B 2 CA  1  101 1  CA  CA  A . 
C 2 CA  1  102 2  CA  CA  A . 
D 2 CA  1  103 3  CA  CA  A . 
E 2 CA  1  104 4  CA  CA  A . 
F 2 CA  1  105 5  CA  CA  A . 
G 2 CA  1  106 7  CA  CA  A . 
H 3 HOH 1  201 38 HOH HOH A . 
H 3 HOH 2  202 32 HOH HOH A . 
H 3 HOH 3  203 23 HOH HOH A . 
H 3 HOH 4  204 16 HOH HOH A . 
H 3 HOH 5  205 2  HOH HOH A . 
H 3 HOH 6  206 35 HOH HOH A . 
H 3 HOH 7  207 19 HOH HOH A . 
H 3 HOH 8  208 29 HOH HOH A . 
H 3 HOH 9  209 8  HOH HOH A . 
H 3 HOH 10 210 30 HOH HOH A . 
H 3 HOH 11 211 27 HOH HOH A . 
H 3 HOH 12 212 21 HOH HOH A . 
H 3 HOH 13 213 22 HOH HOH A . 
H 3 HOH 14 214 25 HOH HOH A . 
H 3 HOH 15 215 24 HOH HOH A . 
H 3 HOH 16 216 17 HOH HOH A . 
H 3 HOH 17 217 26 HOH HOH A . 
H 3 HOH 18 218 37 HOH HOH A . 
H 3 HOH 19 219 1  HOH HOH A . 
H 3 HOH 20 220 18 HOH HOH A . 
H 3 HOH 21 221 5  HOH HOH A . 
H 3 HOH 22 222 31 HOH HOH A . 
H 3 HOH 23 223 33 HOH HOH A . 
H 3 HOH 24 224 4  HOH HOH A . 
H 3 HOH 25 225 6  HOH HOH A . 
H 3 HOH 26 226 20 HOH HOH A . 
H 3 HOH 27 227 36 HOH HOH A . 
H 3 HOH 28 228 14 HOH HOH A . 
H 3 HOH 29 229 7  HOH HOH A . 
H 3 HOH 30 230 3  HOH HOH A . 
H 3 HOH 31 231 15 HOH HOH A . 
H 3 HOH 32 232 13 HOH HOH A . 
H 3 HOH 33 233 12 HOH HOH A . 
H 3 HOH 34 234 11 HOH HOH A . 
H 3 HOH 35 235 10 HOH HOH A . 
H 3 HOH 36 236 9  HOH HOH A . 
H 3 HOH 37 237 34 HOH HOH A . 
H 3 HOH 38 238 28 HOH HOH A . 
# 
loop_
_software.citation_id 
_software.classification 
_software.compiler_name 
_software.compiler_version 
_software.contact_author 
_software.contact_author_email 
_software.date 
_software.description 
_software.dependencies 
_software.hardware 
_software.language 
_software.location 
_software.mods 
_software.name 
_software.os 
_software.os_version 
_software.type 
_software.version 
_software.pdbx_ordinal 
? 'data scaling'    ? ? ? ? ? ? ? ? ? ? ? Aimless     ? ? ? 0.7.3    1 
? refinement        ? ? ? ? ? ? ? ? ? ? ? REFMAC      ? ? ? 5.8.0238 2 
? 'data extraction' ? ? ? ? ? ? ? ? ? ? ? PDB_EXTRACT ? ? ? 3.24     3 
? 'data reduction'  ? ? ? ? ? ? ? ? ? ? ? DIALS       ? ? ? .        4 
? phasing           ? ? ? ? ? ? ? ? ? ? ? MOLREP      ? ? ? .        5 
# 
_cell.angle_alpha                  90.000 
_cell.angle_alpha_esd              ? 
_cell.angle_beta                   90.000 
_cell.angle_beta_esd               ? 
_cell.angle_gamma                  120.000 
_cell.angle_gamma_esd              ? 
_cell.entry_id                     6QT6 
_cell.details                      ? 
_cell.formula_units_Z              ? 
_cell.length_a                     36.965 
_cell.length_a_esd                 ? 
_cell.length_b                     36.965 
_cell.length_b_esd                 ? 
_cell.length_c                     162.571 
_cell.length_c_esd                 ? 
_cell.volume                       ? 
_cell.volume_esd                   ? 
_cell.Z_PDB                        18 
_cell.reciprocal_angle_alpha       ? 
_cell.reciprocal_angle_beta        ? 
_cell.reciprocal_angle_gamma       ? 
_cell.reciprocal_angle_alpha_esd   ? 
_cell.reciprocal_angle_beta_esd    ? 
_cell.reciprocal_angle_gamma_esd   ? 
_cell.reciprocal_length_a          ? 
_cell.reciprocal_length_b          ? 
_cell.reciprocal_length_c          ? 
_cell.reciprocal_length_a_esd      ? 
_cell.reciprocal_length_b_esd      ? 
_cell.reciprocal_length_c_esd      ? 
_cell.pdbx_unique_axis             ? 
# 
_symmetry.entry_id                         6QT6 
_symmetry.cell_setting                     ? 
_symmetry.Int_Tables_number                155 
_symmetry.space_group_name_Hall            ? 
_symmetry.space_group_name_H-M             'H 3 2' 
_symmetry.pdbx_full_space_group_name_H-M   ? 
# 
_exptl.absorpt_coefficient_mu     ? 
_exptl.absorpt_correction_T_max   ? 
_exptl.absorpt_correction_T_min   ? 
_exptl.absorpt_correction_type    ? 
_exptl.absorpt_process_details    ? 
_exptl.entry_id                   6QT6 
_exptl.crystals_number            1 
_exptl.details                    ? 
_exptl.method                     'X-RAY DIFFRACTION' 
_exptl.method_details             ? 
# 
_exptl_crystal.colour                      ? 
_exptl_crystal.density_diffrn              ? 
_exptl_crystal.density_Matthews            2.18 
_exptl_crystal.density_method              ? 
_exptl_crystal.density_percent_sol         43.63 
_exptl_crystal.description                 ? 
_exptl_crystal.F_000                       ? 
_exptl_crystal.id                          1 
_exptl_crystal.preparation                 ? 
_exptl_crystal.size_max                    ? 
_exptl_crystal.size_mid                    ? 
_exptl_crystal.size_min                    ? 
_exptl_crystal.size_rad                    ? 
_exptl_crystal.colour_lustre               ? 
_exptl_crystal.colour_modifier             ? 
_exptl_crystal.colour_primary              ? 
_exptl_crystal.density_meas                ? 
_exptl_crystal.density_meas_esd            ? 
_exptl_crystal.density_meas_gt             ? 
_exptl_crystal.density_meas_lt             ? 
_exptl_crystal.density_meas_temp           ? 
_exptl_crystal.density_meas_temp_esd       ? 
_exptl_crystal.density_meas_temp_gt        ? 
_exptl_crystal.density_meas_temp_lt        ? 
_exptl_crystal.pdbx_crystal_image_url      ? 
_exptl_crystal.pdbx_crystal_image_format   ? 
_exptl_crystal.pdbx_mosaicity              ? 
_exptl_crystal.pdbx_mosaicity_esd          ? 
# 
_exptl_crystal_grow.apparatus       ? 
_exptl_crystal_grow.atmosphere      ? 
_exptl_crystal_grow.crystal_id      1 
_exptl_crystal_grow.details         ? 
_exptl_crystal_grow.method          'VAPOR DIFFUSION, HANGING DROP' 
_exptl_crystal_grow.method_ref      ? 
_exptl_crystal_grow.pH              8.6 
_exptl_crystal_grow.pressure        ? 
_exptl_crystal_grow.pressure_esd    ? 
_exptl_crystal_grow.seeding         ? 
_exptl_crystal_grow.seeding_ref     ? 
_exptl_crystal_grow.temp            292 
_exptl_crystal_grow.temp_details    ? 
_exptl_crystal_grow.temp_esd        ? 
_exptl_crystal_grow.time            ? 
_exptl_crystal_grow.pdbx_details    
;2 microliter 1.5 mM DNA solution (5mM HEPES pH 6.6) plus 2 microliter 10 mM HEPES pH 6.6 plus 4 microliter reservoir solution, against a reservoir of 1 ml 34% PEG200, 600 mM CaCl2 and 10 mM HEPES pH 8.6
;
_exptl_crystal_grow.pdbx_pH_range   8.6-6.6 
# 
_diffrn.ambient_environment              ? 
_diffrn.ambient_temp                     100 
_diffrn.ambient_temp_details             ? 
_diffrn.ambient_temp_esd                 ? 
_diffrn.crystal_id                       1 
_diffrn.crystal_support                  ? 
_diffrn.crystal_treatment                ? 
_diffrn.details                          ? 
_diffrn.id                               1 
_diffrn.ambient_pressure                 ? 
_diffrn.ambient_pressure_esd             ? 
_diffrn.ambient_pressure_gt              ? 
_diffrn.ambient_pressure_lt              ? 
_diffrn.ambient_temp_gt                  ? 
_diffrn.ambient_temp_lt                  ? 
_diffrn.pdbx_serial_crystal_experiment   N 
# 
_diffrn_detector.details                      ? 
_diffrn_detector.detector                     PIXEL 
_diffrn_detector.diffrn_id                    1 
_diffrn_detector.type                         'DECTRIS PILATUS3 6M' 
_diffrn_detector.area_resol_mean              ? 
_diffrn_detector.dtime                        ? 
_diffrn_detector.pdbx_frames_total            ? 
_diffrn_detector.pdbx_collection_time_total   ? 
_diffrn_detector.pdbx_collection_date         2018-10-22 
_diffrn_detector.pdbx_frequency               ? 
# 
_diffrn_radiation.collimation                      ? 
_diffrn_radiation.diffrn_id                        1 
_diffrn_radiation.filter_edge                      ? 
_diffrn_radiation.inhomogeneity                    ? 
_diffrn_radiation.monochromator                    ? 
_diffrn_radiation.polarisn_norm                    ? 
_diffrn_radiation.polarisn_ratio                   ? 
_diffrn_radiation.probe                            ? 
_diffrn_radiation.type                             ? 
_diffrn_radiation.xray_symbol                      ? 
_diffrn_radiation.wavelength_id                    1 
_diffrn_radiation.pdbx_monochromatic_or_laue_m_l   M 
_diffrn_radiation.pdbx_wavelength_list             ? 
_diffrn_radiation.pdbx_wavelength                  ? 
_diffrn_radiation.pdbx_diffrn_protocol             'SINGLE WAVELENGTH' 
_diffrn_radiation.pdbx_analyzer                    ? 
_diffrn_radiation.pdbx_scattering_type             x-ray 
# 
_diffrn_radiation_wavelength.id           1 
_diffrn_radiation_wavelength.wavelength   0.9686 
_diffrn_radiation_wavelength.wt           1.0 
# 
_diffrn_source.current                     ? 
_diffrn_source.details                     ? 
_diffrn_source.diffrn_id                   1 
_diffrn_source.power                       ? 
_diffrn_source.size                        ? 
_diffrn_source.source                      SYNCHROTRON 
_diffrn_source.target                      ? 
_diffrn_source.type                        'DIAMOND BEAMLINE I24' 
_diffrn_source.voltage                     ? 
_diffrn_source.take-off_angle              ? 
_diffrn_source.pdbx_wavelength_list        0.9686 
_diffrn_source.pdbx_wavelength             ? 
_diffrn_source.pdbx_synchrotron_beamline   I24 
_diffrn_source.pdbx_synchrotron_site       Diamond 
# 
_reflns.B_iso_Wilson_estimate            ? 
_reflns.entry_id                         6QT6 
_reflns.data_reduction_details           ? 
_reflns.data_reduction_method            ? 
_reflns.d_resolution_high                1.800 
_reflns.d_resolution_low                 31.430 
_reflns.details                          ? 
_reflns.limit_h_max                      ? 
_reflns.limit_h_min                      ? 
_reflns.limit_k_max                      ? 
_reflns.limit_k_min                      ? 
_reflns.limit_l_max                      ? 
_reflns.limit_l_min                      ? 
_reflns.number_all                       ? 
_reflns.number_obs                       3914 
_reflns.observed_criterion               ? 
_reflns.observed_criterion_F_max         ? 
_reflns.observed_criterion_F_min         ? 
_reflns.observed_criterion_I_max         ? 
_reflns.observed_criterion_I_min         ? 
_reflns.observed_criterion_sigma_F       ? 
_reflns.observed_criterion_sigma_I       ? 
_reflns.percent_possible_obs             92.300 
_reflns.R_free_details                   ? 
_reflns.Rmerge_F_all                     ? 
_reflns.Rmerge_F_obs                     ? 
_reflns.Friedel_coverage                 ? 
_reflns.number_gt                        ? 
_reflns.threshold_expression             ? 
_reflns.pdbx_redundancy                  3.000 
_reflns.pdbx_Rmerge_I_obs                0.136 
_reflns.pdbx_Rmerge_I_all                ? 
_reflns.pdbx_Rsym_value                  ? 
_reflns.pdbx_netI_over_av_sigmaI         ? 
_reflns.pdbx_netI_over_sigmaI            1.800 
_reflns.pdbx_res_netI_over_av_sigmaI_2   ? 
_reflns.pdbx_res_netI_over_sigmaI_2      ? 
_reflns.pdbx_chi_squared                 ? 
_reflns.pdbx_scaling_rejects             ? 
_reflns.pdbx_d_res_high_opt              ? 
_reflns.pdbx_d_res_low_opt               ? 
_reflns.pdbx_d_res_opt_method            ? 
_reflns.phase_calculation_details        ? 
_reflns.pdbx_Rrim_I_all                  0.167 
_reflns.pdbx_Rpim_I_all                  0.095 
_reflns.pdbx_d_opt                       ? 
_reflns.pdbx_number_measured_all         ? 
_reflns.pdbx_diffrn_id                   1 
_reflns.pdbx_ordinal                     1 
_reflns.pdbx_CC_half                     0.983 
_reflns.pdbx_R_split                     ? 
# 
loop_
_reflns_shell.d_res_high 
_reflns_shell.d_res_low 
_reflns_shell.meanI_over_sigI_all 
_reflns_shell.meanI_over_sigI_obs 
_reflns_shell.number_measured_all 
_reflns_shell.number_measured_obs 
_reflns_shell.number_possible 
_reflns_shell.number_unique_all 
_reflns_shell.number_unique_obs 
_reflns_shell.percent_possible_all 
_reflns_shell.percent_possible_obs 
_reflns_shell.Rmerge_F_all 
_reflns_shell.Rmerge_F_obs 
_reflns_shell.Rmerge_I_all 
_reflns_shell.Rmerge_I_obs 
_reflns_shell.meanI_over_sigI_gt 
_reflns_shell.meanI_over_uI_all 
_reflns_shell.meanI_over_uI_gt 
_reflns_shell.number_measured_gt 
_reflns_shell.number_unique_gt 
_reflns_shell.percent_possible_gt 
_reflns_shell.Rmerge_F_gt 
_reflns_shell.Rmerge_I_gt 
_reflns_shell.pdbx_redundancy 
_reflns_shell.pdbx_Rsym_value 
_reflns_shell.pdbx_chi_squared 
_reflns_shell.pdbx_netI_over_sigmaI_all 
_reflns_shell.pdbx_netI_over_sigmaI_obs 
_reflns_shell.pdbx_Rrim_I_all 
_reflns_shell.pdbx_Rpim_I_all 
_reflns_shell.pdbx_rejects 
_reflns_shell.pdbx_ordinal 
_reflns_shell.pdbx_diffrn_id 
_reflns_shell.pdbx_CC_half 
_reflns_shell.pdbx_R_split 
1.800 1.850  ? ?   ? ? ? ? 196 57.700 ? ? ? ? 116.648 ? ? ? ? ? ? ? ? 2.600 ? ? ? ? 143.064 81.297 ? 1 1 ?     ? 
7.850 31.410 ? ?   ? ? ? ? 64  95.700 ? ? ? ? 0.054   ? ? ? ? ? ? ? ? 2.600 ? ? ? ? 0.065   0.036  ? 2 1 0.995 ? 
2.48  2.61   ? 2.0 ? ? ? ? 229 97.9   ? ? ? ? ?       ? ? ? ? ? ? ? ? 3.2   ? ? ? ? 0.736   0.397  ? 3 1 0.765 ? 
2.36  2.48   ? 1.5 ? ? ? ? 241 97.9   ? ? ? ? ?       ? ? ? ? ? ? ? ? 3.2   ? ? ? ? 1.421   0.768  ? 4 1 0.365 ? 
# 
_refine.aniso_B[1][1]                            0.7900 
_refine.aniso_B[1][2]                            0.4000 
_refine.aniso_B[1][3]                            0.0000 
_refine.aniso_B[2][2]                            0.7900 
_refine.aniso_B[2][3]                            0.0000 
_refine.aniso_B[3][3]                            -2.5800 
_refine.B_iso_max                                131.020 
_refine.B_iso_mean                               57.7450 
_refine.B_iso_min                                2.140 
_refine.correlation_coeff_Fo_to_Fc               0.9620 
_refine.correlation_coeff_Fo_to_Fc_free          0.9060 
_refine.details                                  
;HYDROGENS HAVE BEEN ADDED IN THE RIDING POSITIONS U VALUES      : REFINED INDIVIDUALLY. The final model of the lowest dose dataset 6QT1 was further refined against the current dataset collected at higher dose.
;
_refine.diff_density_max                         ? 
_refine.diff_density_max_esd                     ? 
_refine.diff_density_min                         ? 
_refine.diff_density_min_esd                     ? 
_refine.diff_density_rms                         ? 
_refine.diff_density_rms_esd                     ? 
_refine.entry_id                                 6QT6 
_refine.pdbx_refine_id                           'X-RAY DIFFRACTION' 
_refine.ls_abs_structure_details                 ? 
_refine.ls_abs_structure_Flack                   ? 
_refine.ls_abs_structure_Flack_esd               ? 
_refine.ls_abs_structure_Rogers                  ? 
_refine.ls_abs_structure_Rogers_esd              ? 
_refine.ls_d_res_high                            1.8000 
_refine.ls_d_res_low                             31.4300 
_refine.ls_extinction_coef                       ? 
_refine.ls_extinction_coef_esd                   ? 
_refine.ls_extinction_expression                 ? 
_refine.ls_extinction_method                     ? 
_refine.ls_goodness_of_fit_all                   ? 
_refine.ls_goodness_of_fit_all_esd               ? 
_refine.ls_goodness_of_fit_obs                   ? 
_refine.ls_goodness_of_fit_obs_esd               ? 
_refine.ls_hydrogen_treatment                    ? 
_refine.ls_matrix_type                           ? 
_refine.ls_number_constraints                    ? 
_refine.ls_number_parameters                     ? 
_refine.ls_number_reflns_all                     ? 
_refine.ls_number_reflns_obs                     3721 
_refine.ls_number_reflns_R_free                  188 
_refine.ls_number_reflns_R_work                  ? 
_refine.ls_number_restraints                     ? 
_refine.ls_percent_reflns_obs                    91.2500 
_refine.ls_percent_reflns_R_free                 4.8000 
_refine.ls_R_factor_all                          ? 
_refine.ls_R_factor_obs                          0.2749 
_refine.ls_R_factor_R_free                       0.3693 
_refine.ls_R_factor_R_free_error                 ? 
_refine.ls_R_factor_R_free_error_details         ? 
_refine.ls_R_factor_R_work                       0.2704 
_refine.ls_R_Fsqd_factor_obs                     ? 
_refine.ls_R_I_factor_obs                        ? 
_refine.ls_redundancy_reflns_all                 ? 
_refine.ls_redundancy_reflns_obs                 ? 
_refine.ls_restrained_S_all                      ? 
_refine.ls_restrained_S_obs                      ? 
_refine.ls_shift_over_esd_max                    ? 
_refine.ls_shift_over_esd_mean                   ? 
_refine.ls_structure_factor_coef                 ? 
_refine.ls_weighting_details                     ? 
_refine.ls_weighting_scheme                      ? 
_refine.ls_wR_factor_all                         ? 
_refine.ls_wR_factor_obs                         ? 
_refine.ls_wR_factor_R_free                      ? 
_refine.ls_wR_factor_R_work                      ? 
_refine.occupancy_max                            ? 
_refine.occupancy_min                            ? 
_refine.solvent_model_details                    ? 
_refine.solvent_model_param_bsol                 ? 
_refine.solvent_model_param_ksol                 ? 
_refine.ls_R_factor_gt                           ? 
_refine.ls_goodness_of_fit_gt                    ? 
_refine.ls_goodness_of_fit_ref                   ? 
_refine.ls_shift_over_su_max                     ? 
_refine.ls_shift_over_su_max_lt                  ? 
_refine.ls_shift_over_su_mean                    ? 
_refine.ls_shift_over_su_mean_lt                 ? 
_refine.pdbx_ls_sigma_I                          ? 
_refine.pdbx_ls_sigma_F                          0.000 
_refine.pdbx_ls_sigma_Fsqd                       ? 
_refine.pdbx_data_cutoff_high_absF               ? 
_refine.pdbx_data_cutoff_high_rms_absF           ? 
_refine.pdbx_data_cutoff_low_absF                ? 
_refine.pdbx_isotropic_thermal_model             ? 
_refine.pdbx_ls_cross_valid_method               THROUGHOUT 
_refine.pdbx_method_to_determine_struct          'FOURIER SYNTHESIS' 
_refine.pdbx_starting_model                      6QT1 
_refine.pdbx_stereochemistry_target_values       ? 
_refine.pdbx_R_Free_selection_details            RANDOM 
_refine.pdbx_stereochem_target_val_spec_case     ? 
_refine.pdbx_overall_ESU_R                       0.2080 
_refine.pdbx_overall_ESU_R_Free                  0.2200 
_refine.pdbx_solvent_vdw_probe_radii             1.2000 
_refine.pdbx_solvent_ion_probe_radii             0.8000 
_refine.pdbx_solvent_shrinkage_radii             0.8000 
_refine.pdbx_real_space_R                        ? 
_refine.pdbx_density_correlation                 ? 
_refine.pdbx_pd_number_of_powder_patterns        ? 
_refine.pdbx_pd_number_of_points                 ? 
_refine.pdbx_pd_meas_number_of_points            ? 
_refine.pdbx_pd_proc_ls_prof_R_factor            ? 
_refine.pdbx_pd_proc_ls_prof_wR_factor           ? 
_refine.pdbx_pd_Marquardt_correlation_coeff      ? 
_refine.pdbx_pd_Fsqrd_R_factor                   ? 
_refine.pdbx_pd_ls_matrix_band_width             ? 
_refine.pdbx_overall_phase_error                 ? 
_refine.pdbx_overall_SU_R_free_Cruickshank_DPI   ? 
_refine.pdbx_overall_SU_R_free_Blow_DPI          ? 
_refine.pdbx_overall_SU_R_Blow_DPI               ? 
_refine.pdbx_TLS_residual_ADP_flag               ? 
_refine.pdbx_diffrn_id                           1 
_refine.overall_SU_B                             9.4640 
_refine.overall_SU_ML                            0.2540 
_refine.overall_SU_R_Cruickshank_DPI             ? 
_refine.overall_SU_R_free                        ? 
_refine.overall_FOM_free_R_set                   ? 
_refine.overall_FOM_work_R_set                   ? 
_refine.pdbx_average_fsc_overall                 ? 
_refine.pdbx_average_fsc_work                    ? 
_refine.pdbx_average_fsc_free                    ? 
# 
_refine_hist.cycle_id                         final 
_refine_hist.pdbx_refine_id                   'X-RAY DIFFRACTION' 
_refine_hist.d_res_high                       1.8000 
_refine_hist.d_res_low                        31.4300 
_refine_hist.pdbx_number_atoms_ligand         6 
_refine_hist.number_atoms_solvent             40 
_refine_hist.number_atoms_total               371 
_refine_hist.pdbx_number_residues_total       16 
_refine_hist.pdbx_B_iso_mean_ligand           76.69 
_refine_hist.pdbx_B_iso_mean_solvent          56.70 
_refine_hist.pdbx_number_atoms_protein        0 
_refine_hist.pdbx_number_atoms_nucleic_acid   325 
# 
loop_
_refine_ls_restr.pdbx_refine_id 
_refine_ls_restr.criterion 
_refine_ls_restr.dev_ideal 
_refine_ls_restr.dev_ideal_target 
_refine_ls_restr.number 
_refine_ls_restr.rejects 
_refine_ls_restr.type 
_refine_ls_restr.weight 
_refine_ls_restr.pdbx_restraint_function 
'X-RAY DIFFRACTION' ? 0.007 0.011 364 ? r_bond_refined_d     ? ? 
'X-RAY DIFFRACTION' ? 0.002 0.020 181 ? r_bond_other_d       ? ? 
'X-RAY DIFFRACTION' ? 1.540 1.172 560 ? r_angle_refined_deg  ? ? 
'X-RAY DIFFRACTION' ? 1.654 3.000 429 ? r_angle_other_deg    ? ? 
'X-RAY DIFFRACTION' ? 0.093 0.200 48  ? r_chiral_restr       ? ? 
'X-RAY DIFFRACTION' ? 0.016 0.020 192 ? r_gen_planes_refined ? ? 
'X-RAY DIFFRACTION' ? 0.002 0.020 80  ? r_gen_planes_other   ? ? 
# 
_refine_ls_shell.pdbx_refine_id                   'X-RAY DIFFRACTION' 
_refine_ls_shell.d_res_high                       1.8010 
_refine_ls_shell.d_res_low                        1.8470 
_refine_ls_shell.number_reflns_all                187 
_refine_ls_shell.number_reflns_obs                ? 
_refine_ls_shell.number_reflns_R_free             12 
_refine_ls_shell.number_reflns_R_work             175 
_refine_ls_shell.percent_reflns_obs               57.5400 
_refine_ls_shell.percent_reflns_R_free            ? 
_refine_ls_shell.R_factor_all                     ? 
_refine_ls_shell.R_factor_obs                     ? 
_refine_ls_shell.R_factor_R_free                  0.6270 
_refine_ls_shell.R_factor_R_free_error            0.0000 
_refine_ls_shell.R_factor_R_work                  0.5960 
_refine_ls_shell.redundancy_reflns_all            ? 
_refine_ls_shell.redundancy_reflns_obs            ? 
_refine_ls_shell.wR_factor_all                    ? 
_refine_ls_shell.wR_factor_obs                    ? 
_refine_ls_shell.wR_factor_R_free                 ? 
_refine_ls_shell.wR_factor_R_work                 ? 
_refine_ls_shell.pdbx_total_number_of_bins_used   20 
_refine_ls_shell.pdbx_phase_error                 ? 
_refine_ls_shell.pdbx_fsc_work                    ? 
_refine_ls_shell.pdbx_fsc_free                    ? 
# 
_struct.entry_id                     6QT6 
_struct.title                        'Radiation damage study on a 16mer DNA segment, structure at 29.2 MGy dose' 
_struct.pdbx_model_details           ? 
_struct.pdbx_formula_weight          ? 
_struct.pdbx_formula_weight_method   ? 
_struct.pdbx_model_type_details      ? 
_struct.pdbx_CASP_flag               N 
# 
_struct_keywords.entry_id        6QT6 
_struct_keywords.text            'DNA, radiation damage, global damage, specific damage' 
_struct_keywords.pdbx_keywords   DNA 
# 
loop_
_struct_asym.id 
_struct_asym.pdbx_blank_PDB_chainid_flag 
_struct_asym.pdbx_modified 
_struct_asym.entity_id 
_struct_asym.details 
A N N 1 ? 
B N N 2 ? 
C N N 2 ? 
D N N 2 ? 
E N N 2 ? 
F N N 2 ? 
G N N 2 ? 
H N N 3 ? 
# 
_struct_ref.id                         1 
_struct_ref.db_name                    PDB 
_struct_ref.db_code                    6QT6 
_struct_ref.pdbx_db_accession          6QT6 
_struct_ref.pdbx_db_isoform            ? 
_struct_ref.entity_id                  1 
_struct_ref.pdbx_seq_one_letter_code   ? 
_struct_ref.pdbx_align_begin           1 
# 
_struct_ref_seq.align_id                      1 
_struct_ref_seq.ref_id                        1 
_struct_ref_seq.pdbx_PDB_id_code              6QT6 
_struct_ref_seq.pdbx_strand_id                A 
_struct_ref_seq.seq_align_beg                 1 
_struct_ref_seq.pdbx_seq_align_beg_ins_code   ? 
_struct_ref_seq.seq_align_end                 16 
_struct_ref_seq.pdbx_seq_align_end_ins_code   ? 
_struct_ref_seq.pdbx_db_accession             6QT6 
_struct_ref_seq.db_align_beg                  2 
_struct_ref_seq.pdbx_db_align_beg_ins_code    ? 
_struct_ref_seq.db_align_end                  17 
_struct_ref_seq.pdbx_db_align_end_ins_code    ? 
_struct_ref_seq.pdbx_auth_seq_align_beg       2 
_struct_ref_seq.pdbx_auth_seq_align_end       17 
# 
_pdbx_struct_assembly.id                   1 
_pdbx_struct_assembly.details              author_and_software_defined_assembly 
_pdbx_struct_assembly.method_details       PISA 
_pdbx_struct_assembly.oligomeric_details   dimeric 
_pdbx_struct_assembly.oligomeric_count     2 
# 
loop_
_pdbx_struct_assembly_prop.biol_id 
_pdbx_struct_assembly_prop.type 
_pdbx_struct_assembly_prop.value 
_pdbx_struct_assembly_prop.details 
1 'ABSA (A^2)' 1710 ? 
1 MORE         -42  ? 
1 'SSA (A^2)'  6190 ? 
# 
_pdbx_struct_assembly_gen.assembly_id       1 
_pdbx_struct_assembly_gen.oper_expression   1,2 
_pdbx_struct_assembly_gen.asym_id_list      A,B,C,D,E,F,G,H 
# 
_pdbx_struct_assembly_auth_evidence.id                     1 
_pdbx_struct_assembly_auth_evidence.assembly_id            1 
_pdbx_struct_assembly_auth_evidence.experimental_support   homology 
_pdbx_struct_assembly_auth_evidence.details                ? 
# 
loop_
_pdbx_struct_oper_list.id 
_pdbx_struct_oper_list.type 
_pdbx_struct_oper_list.name 
_pdbx_struct_oper_list.symmetry_operation 
_pdbx_struct_oper_list.matrix[1][1] 
_pdbx_struct_oper_list.matrix[1][2] 
_pdbx_struct_oper_list.matrix[1][3] 
_pdbx_struct_oper_list.vector[1] 
_pdbx_struct_oper_list.matrix[2][1] 
_pdbx_struct_oper_list.matrix[2][2] 
_pdbx_struct_oper_list.matrix[2][3] 
_pdbx_struct_oper_list.vector[2] 
_pdbx_struct_oper_list.matrix[3][1] 
_pdbx_struct_oper_list.matrix[3][2] 
_pdbx_struct_oper_list.matrix[3][3] 
_pdbx_struct_oper_list.vector[3] 
1 'identity operation'         1_555  x,y,z                 1.0000000000  0.0000000000 0.0000000000 0.0000000000  0.0000000000 1.0000000000  0.0000000000 0.0000000000  0.0000000000 0.0000000000 1.0000000000  0.0000000000 
2 'crystal symmetry operation' 17_435 x-y-2/3,-y-4/3,-z+2/3 -0.4602976224 0.7023356511 0.5430015948 -1.2196780828 0.7023356511 -0.0860233578 0.7066290505 -0.8389993781 0.5430015948 0.7066290505 -0.4536790198 2.2974561174 
# 
loop_
_struct_conn.id 
_struct_conn.conn_type_id 
_struct_conn.pdbx_leaving_atom_flag 
_struct_conn.pdbx_PDB_id 
_struct_conn.ptnr1_label_asym_id 
_struct_conn.ptnr1_label_comp_id 
_struct_conn.ptnr1_label_seq_id 
_struct_conn.ptnr1_label_atom_id 
_struct_conn.pdbx_ptnr1_label_alt_id 
_struct_conn.pdbx_ptnr1_PDB_ins_code 
_struct_conn.pdbx_ptnr1_standard_comp_id 
_struct_conn.ptnr1_symmetry 
_struct_conn.ptnr2_label_asym_id 
_struct_conn.ptnr2_label_comp_id 
_struct_conn.ptnr2_label_seq_id 
_struct_conn.ptnr2_label_atom_id 
_struct_conn.pdbx_ptnr2_label_alt_id 
_struct_conn.pdbx_ptnr2_PDB_ins_code 
_struct_conn.ptnr1_auth_asym_id 
_struct_conn.ptnr1_auth_comp_id 
_struct_conn.ptnr1_auth_seq_id 
_struct_conn.ptnr2_auth_asym_id 
_struct_conn.ptnr2_auth_comp_id 
_struct_conn.ptnr2_auth_seq_id 
_struct_conn.ptnr2_symmetry 
_struct_conn.pdbx_ptnr3_label_atom_id 
_struct_conn.pdbx_ptnr3_label_seq_id 
_struct_conn.pdbx_ptnr3_label_comp_id 
_struct_conn.pdbx_ptnr3_label_asym_id 
_struct_conn.pdbx_ptnr3_label_alt_id 
_struct_conn.pdbx_ptnr3_PDB_ins_code 
_struct_conn.details 
_struct_conn.pdbx_dist_value 
_struct_conn.pdbx_value_order 
_struct_conn.pdbx_role 
metalc1  metalc ? ? A DA 6  OP1 ? ? ? 1_555 C CA  .  CA ? ? A DA 7   A CA  102 1_555  ? ? ? ? ? ? ?            2.155 ? ? 
metalc2  metalc ? ? A DA 6  OP1 ? ? ? 1_555 C CA  .  CA ? ? A DA 7   A CA  102 2_445  ? ? ? ? ? ? ?            2.155 ? ? 
metalc3  metalc ? ? A DA 6  OP2 ? ? ? 1_555 D CA  .  CA ? ? A DA 7   A CA  103 1_555  ? ? ? ? ? ? ?            2.264 ? ? 
metalc4  metalc ? ? A DA 6  OP2 ? ? ? 1_555 D CA  .  CA ? ? A DA 7   A CA  103 2_445  ? ? ? ? ? ? ?            2.264 ? ? 
metalc5  metalc ? ? A DG 15 OP1 ? ? ? 1_555 E CA  .  CA ? ? A DG 16  A CA  104 1_555  ? ? ? ? ? ? ?            2.421 ? ? 
metalc6  metalc ? ? A DC 16 OP1 ? ? ? 1_555 B CA  .  CA ? ? A DC 17  A CA  101 1_555  ? ? ? ? ? ? ?            1.974 ? ? 
metalc7  metalc ? ? A DC 16 OP1 ? ? ? 1_555 B CA  .  CA ? ? A DC 17  A CA  101 2_445  ? ? ? ? ? ? ?            1.974 ? ? 
metalc8  metalc ? ? B CA .  CA  ? ? ? 1_555 H HOH .  O  ? ? A CA 101 A HOH 221 1_555  ? ? ? ? ? ? ?            2.078 ? ? 
metalc9  metalc ? ? B CA .  CA  ? ? ? 1_555 H HOH .  O  ? ? A CA 101 A HOH 221 2_445  ? ? ? ? ? ? ?            2.078 ? ? 
metalc10 metalc ? ? C CA .  CA  ? ? ? 1_555 H HOH .  O  ? ? A CA 102 A HOH 216 1_555  ? ? ? ? ? ? ?            2.212 ? ? 
metalc11 metalc ? ? C CA .  CA  ? ? ? 1_555 H HOH .  O  ? ? A CA 102 A HOH 216 2_445  ? ? ? ? ? ? ?            2.212 ? ? 
metalc12 metalc ? ? D CA .  CA  ? ? ? 1_555 H HOH .  O  ? ? A CA 103 A HOH 230 1_555  ? ? ? ? ? ? ?            2.895 ? ? 
metalc13 metalc ? ? D CA .  CA  ? ? ? 1_555 H HOH .  O  ? ? A CA 103 A HOH 230 2_445  ? ? ? ? ? ? ?            2.895 ? ? 
metalc14 metalc ? ? E CA .  CA  ? ? ? 1_555 H HOH .  O  ? ? A CA 104 A HOH 210 1_555  ? ? ? ? ? ? ?            2.124 ? ? 
metalc15 metalc ? ? E CA .  CA  ? ? ? 1_555 H HOH .  O  ? ? A CA 104 A HOH 219 3_545  ? ? ? ? ? ? ?            2.474 ? ? 
metalc16 metalc ? ? E CA .  CA  ? ? ? 1_555 H HOH .  O  A ? A CA 104 A HOH 228 1_555  ? ? ? ? ? ? ?            2.219 ? ? 
metalc17 metalc ? ? E CA .  CA  ? ? ? 1_555 H HOH .  O  B ? A CA 104 A HOH 228 1_555  ? ? ? ? ? ? ?            3.186 ? ? 
metalc18 metalc ? ? E CA .  CA  ? ? ? 1_555 H HOH .  O  A ? A CA 104 A HOH 232 1_555  ? ? ? ? ? ? ?            2.004 ? ? 
metalc19 metalc ? ? E CA .  CA  ? ? ? 1_555 H HOH .  O  ? ? A CA 104 A HOH 233 1_555  ? ? ? ? ? ? ?            3.152 ? ? 
metalc20 metalc ? ? F CA .  CA  ? ? ? 1_555 H HOH .  O  ? ? A CA 105 A HOH 234 17_435 ? ? ? ? ? ? ?            2.462 ? ? 
metalc21 metalc ? ? F CA .  CA  ? ? ? 1_555 H HOH .  O  ? ? A CA 105 A HOH 235 1_555  ? ? ? ? ? ? ?            2.382 ? ? 
metalc22 metalc ? ? F CA .  CA  ? ? ? 1_555 H HOH .  O  ? ? A CA 105 A HOH 236 1_555  ? ? ? ? ? ? ?            2.157 ? ? 
metalc23 metalc ? ? F CA .  CA  ? ? ? 1_555 H HOH .  O  ? ? A CA 105 A HOH 237 1_555  ? ? ? ? ? ? ?            2.202 ? ? 
metalc24 metalc ? ? F CA .  CA  ? ? ? 1_555 H HOH .  O  ? ? A CA 105 A HOH 238 18_335 ? ? ? ? ? ? ?            2.499 ? ? 
metalc25 metalc ? ? G CA .  CA  ? ? ? 1_555 H HOH .  O  ? ? A CA 106 A HOH 214 1_555  ? ? ? ? ? ? ?            2.060 ? ? 
metalc26 metalc ? ? G CA .  CA  ? ? ? 1_555 H HOH .  O  ? ? A CA 106 A HOH 217 1_555  ? ? ? ? ? ? ?            2.491 ? ? 
hydrog1  hydrog ? ? A DG 1  N1  ? ? ? 1_555 A DC  16 N3 ? ? A DG 2   A DC  17  17_435 ? ? ? ? ? ? WATSON-CRICK ?     ? ? 
hydrog2  hydrog ? ? A DG 1  N2  ? ? ? 1_555 A DC  16 O2 ? ? A DG 2   A DC  17  17_435 ? ? ? ? ? ? WATSON-CRICK ?     ? ? 
hydrog3  hydrog ? ? A DG 1  O6  ? ? ? 1_555 A DC  16 N4 ? ? A DG 2   A DC  17  17_435 ? ? ? ? ? ? WATSON-CRICK ?     ? ? 
hydrog4  hydrog ? ? A DC 2  N3  ? ? ? 1_555 A DG  15 N1 ? ? A DC 3   A DG  16  17_435 ? ? ? ? ? ? WATSON-CRICK ?     ? ? 
hydrog5  hydrog ? ? A DC 2  N4  ? ? ? 1_555 A DG  15 O6 ? ? A DC 3   A DG  16  17_435 ? ? ? ? ? ? WATSON-CRICK ?     ? ? 
hydrog6  hydrog ? ? A DC 2  O2  ? ? ? 1_555 A DG  15 N2 ? ? A DC 3   A DG  16  17_435 ? ? ? ? ? ? WATSON-CRICK ?     ? ? 
hydrog7  hydrog ? ? A DT 3  N3  ? ? ? 1_555 A DA  14 N1 ? ? A DT 4   A DA  15  17_435 ? ? ? ? ? ? WATSON-CRICK ?     ? ? 
hydrog8  hydrog ? ? A DT 3  O4  ? ? ? 1_555 A DA  14 N6 ? ? A DT 4   A DA  15  17_435 ? ? ? ? ? ? WATSON-CRICK ?     ? ? 
hydrog9  hydrog ? ? A DG 4  N1  ? ? ? 1_555 A DC  13 N3 ? ? A DG 5   A DC  14  17_435 ? ? ? ? ? ? WATSON-CRICK ?     ? ? 
hydrog10 hydrog ? ? A DG 4  N2  ? ? ? 1_555 A DC  13 O2 ? ? A DG 5   A DC  14  17_435 ? ? ? ? ? ? WATSON-CRICK ?     ? ? 
hydrog11 hydrog ? ? A DG 4  O6  ? ? ? 1_555 A DC  13 N4 ? ? A DG 5   A DC  14  17_435 ? ? ? ? ? ? WATSON-CRICK ?     ? ? 
hydrog12 hydrog ? ? A DG 5  N1  ? ? ? 1_555 A DC  12 N3 ? ? A DG 6   A DC  13  17_435 ? ? ? ? ? ? WATSON-CRICK ?     ? ? 
hydrog13 hydrog ? ? A DG 5  N2  ? ? ? 1_555 A DC  12 O2 ? ? A DG 6   A DC  13  17_435 ? ? ? ? ? ? WATSON-CRICK ?     ? ? 
hydrog14 hydrog ? ? A DG 5  O6  ? ? ? 1_555 A DC  12 N4 ? ? A DG 6   A DC  13  17_435 ? ? ? ? ? ? WATSON-CRICK ?     ? ? 
hydrog15 hydrog ? ? A DA 6  N1  ? ? ? 1_555 A DT  11 N3 ? ? A DA 7   A DT  12  17_435 ? ? ? ? ? ? WATSON-CRICK ?     ? ? 
hydrog16 hydrog ? ? A DA 6  N6  ? ? ? 1_555 A DT  11 O4 ? ? A DA 7   A DT  12  17_435 ? ? ? ? ? ? WATSON-CRICK ?     ? ? 
hydrog17 hydrog ? ? A DA 7  N1  ? ? ? 1_555 A DT  10 N3 ? ? A DA 8   A DT  11  17_435 ? ? ? ? ? ? WATSON-CRICK ?     ? ? 
hydrog18 hydrog ? ? A DA 7  N6  ? ? ? 1_555 A DT  10 O4 ? ? A DA 8   A DT  11  17_435 ? ? ? ? ? ? WATSON-CRICK ?     ? ? 
hydrog19 hydrog ? ? A DA 8  N1  ? ? ? 1_555 A DT  9  N3 ? ? A DA 9   A DT  10  17_435 ? ? ? ? ? ? WATSON-CRICK ?     ? ? 
hydrog20 hydrog ? ? A DA 8  N6  ? ? ? 1_555 A DT  9  O4 ? ? A DA 9   A DT  10  17_435 ? ? ? ? ? ? WATSON-CRICK ?     ? ? 
hydrog21 hydrog ? ? A DT 9  N3  ? ? ? 1_555 A DA  8  N1 ? ? A DT 10  A DA  9   17_435 ? ? ? ? ? ? WATSON-CRICK ?     ? ? 
hydrog22 hydrog ? ? A DT 9  O4  ? ? ? 1_555 A DA  8  N6 ? ? A DT 10  A DA  9   17_435 ? ? ? ? ? ? WATSON-CRICK ?     ? ? 
hydrog23 hydrog ? ? A DT 10 N3  ? ? ? 1_555 A DA  7  N1 ? ? A DT 11  A DA  8   17_435 ? ? ? ? ? ? WATSON-CRICK ?     ? ? 
hydrog24 hydrog ? ? A DT 10 O4  ? ? ? 1_555 A DA  7  N6 ? ? A DT 11  A DA  8   17_435 ? ? ? ? ? ? WATSON-CRICK ?     ? ? 
hydrog25 hydrog ? ? A DT 11 N3  ? ? ? 1_555 A DA  6  N1 ? ? A DT 12  A DA  7   17_435 ? ? ? ? ? ? WATSON-CRICK ?     ? ? 
hydrog26 hydrog ? ? A DT 11 O4  ? ? ? 1_555 A DA  6  N6 ? ? A DT 12  A DA  7   17_435 ? ? ? ? ? ? WATSON-CRICK ?     ? ? 
hydrog27 hydrog ? ? A DC 12 N3  ? ? ? 1_555 A DG  5  N1 ? ? A DC 13  A DG  6   17_435 ? ? ? ? ? ? WATSON-CRICK ?     ? ? 
hydrog28 hydrog ? ? A DC 12 N4  ? ? ? 1_555 A DG  5  O6 ? ? A DC 13  A DG  6   17_435 ? ? ? ? ? ? WATSON-CRICK ?     ? ? 
hydrog29 hydrog ? ? A DC 12 O2  ? ? ? 1_555 A DG  5  N2 ? ? A DC 13  A DG  6   17_435 ? ? ? ? ? ? WATSON-CRICK ?     ? ? 
hydrog30 hydrog ? ? A DC 13 N3  ? ? ? 1_555 A DG  4  N1 ? ? A DC 14  A DG  5   17_435 ? ? ? ? ? ? WATSON-CRICK ?     ? ? 
hydrog31 hydrog ? ? A DC 13 N4  ? ? ? 1_555 A DG  4  O6 ? ? A DC 14  A DG  5   17_435 ? ? ? ? ? ? WATSON-CRICK ?     ? ? 
hydrog32 hydrog ? ? A DC 13 O2  ? ? ? 1_555 A DG  4  N2 ? ? A DC 14  A DG  5   17_435 ? ? ? ? ? ? WATSON-CRICK ?     ? ? 
hydrog33 hydrog ? ? A DA 14 N1  ? ? ? 1_555 A DT  3  N3 ? ? A DA 15  A DT  4   17_435 ? ? ? ? ? ? WATSON-CRICK ?     ? ? 
hydrog34 hydrog ? ? A DA 14 N6  ? ? ? 1_555 A DT  3  O4 ? ? A DA 15  A DT  4   17_435 ? ? ? ? ? ? WATSON-CRICK ?     ? ? 
hydrog35 hydrog ? ? A DG 15 N1  ? ? ? 1_555 A DC  2  N3 ? ? A DG 16  A DC  3   17_435 ? ? ? ? ? ? WATSON-CRICK ?     ? ? 
hydrog36 hydrog ? ? A DG 15 N2  ? ? ? 1_555 A DC  2  O2 ? ? A DG 16  A DC  3   17_435 ? ? ? ? ? ? WATSON-CRICK ?     ? ? 
hydrog37 hydrog ? ? A DG 15 O6  ? ? ? 1_555 A DC  2  N4 ? ? A DG 16  A DC  3   17_435 ? ? ? ? ? ? WATSON-CRICK ?     ? ? 
hydrog38 hydrog ? ? A DC 16 N3  ? ? ? 1_555 A DG  1  N1 ? ? A DC 17  A DG  2   17_435 ? ? ? ? ? ? WATSON-CRICK ?     ? ? 
hydrog39 hydrog ? ? A DC 16 N4  ? ? ? 1_555 A DG  1  O6 ? ? A DC 17  A DG  2   17_435 ? ? ? ? ? ? WATSON-CRICK ?     ? ? 
hydrog40 hydrog ? ? A DC 16 O2  ? ? ? 1_555 A DG  1  N2 ? ? A DC 17  A DG  2   17_435 ? ? ? ? ? ? WATSON-CRICK ?     ? ? 
# 
loop_
_struct_conn_type.id 
_struct_conn_type.criteria 
_struct_conn_type.reference 
metalc ? ? 
hydrog ? ? 
# 
loop_
_pdbx_struct_conn_angle.id 
_pdbx_struct_conn_angle.ptnr1_label_atom_id 
_pdbx_struct_conn_angle.ptnr1_label_alt_id 
_pdbx_struct_conn_angle.ptnr1_label_asym_id 
_pdbx_struct_conn_angle.ptnr1_label_comp_id 
_pdbx_struct_conn_angle.ptnr1_label_seq_id 
_pdbx_struct_conn_angle.ptnr1_auth_atom_id 
_pdbx_struct_conn_angle.ptnr1_auth_asym_id 
_pdbx_struct_conn_angle.ptnr1_auth_comp_id 
_pdbx_struct_conn_angle.ptnr1_auth_seq_id 
_pdbx_struct_conn_angle.ptnr1_PDB_ins_code 
_pdbx_struct_conn_angle.ptnr1_symmetry 
_pdbx_struct_conn_angle.ptnr2_label_atom_id 
_pdbx_struct_conn_angle.ptnr2_label_alt_id 
_pdbx_struct_conn_angle.ptnr2_label_asym_id 
_pdbx_struct_conn_angle.ptnr2_label_comp_id 
_pdbx_struct_conn_angle.ptnr2_label_seq_id 
_pdbx_struct_conn_angle.ptnr2_auth_atom_id 
_pdbx_struct_conn_angle.ptnr2_auth_asym_id 
_pdbx_struct_conn_angle.ptnr2_auth_comp_id 
_pdbx_struct_conn_angle.ptnr2_auth_seq_id 
_pdbx_struct_conn_angle.ptnr2_PDB_ins_code 
_pdbx_struct_conn_angle.ptnr2_symmetry 
_pdbx_struct_conn_angle.ptnr3_label_atom_id 
_pdbx_struct_conn_angle.ptnr3_label_alt_id 
_pdbx_struct_conn_angle.ptnr3_label_asym_id 
_pdbx_struct_conn_angle.ptnr3_label_comp_id 
_pdbx_struct_conn_angle.ptnr3_label_seq_id 
_pdbx_struct_conn_angle.ptnr3_auth_atom_id 
_pdbx_struct_conn_angle.ptnr3_auth_asym_id 
_pdbx_struct_conn_angle.ptnr3_auth_comp_id 
_pdbx_struct_conn_angle.ptnr3_auth_seq_id 
_pdbx_struct_conn_angle.ptnr3_PDB_ins_code 
_pdbx_struct_conn_angle.ptnr3_symmetry 
_pdbx_struct_conn_angle.value 
_pdbx_struct_conn_angle.value_esd 
1  OP1 ? A DA  6  ? A DA  7   ? 1_555  CA ? C CA . ? A CA 102 ? 1_555 OP1 ? A DA  6  ? A DA  7   ? 1_555  0.0   ? 
2  OP1 ? A DA  6  ? A DA  7   ? 1_555  CA ? C CA . ? A CA 102 ? 1_555 O   ? H HOH .  ? A HOH 216 ? 1_555  78.1  ? 
3  OP1 ? A DA  6  ? A DA  7   ? 1_555  CA ? C CA . ? A CA 102 ? 1_555 O   ? H HOH .  ? A HOH 216 ? 1_555  78.1  ? 
4  OP1 ? A DA  6  ? A DA  7   ? 1_555  CA ? C CA . ? A CA 102 ? 1_555 O   ? H HOH .  ? A HOH 216 ? 2_445  165.0 ? 
5  OP1 ? A DA  6  ? A DA  7   ? 1_555  CA ? C CA . ? A CA 102 ? 1_555 O   ? H HOH .  ? A HOH 216 ? 2_445  165.0 ? 
6  O   ? H HOH .  ? A HOH 216 ? 1_555  CA ? C CA . ? A CA 102 ? 1_555 O   ? H HOH .  ? A HOH 216 ? 2_445  97.2  ? 
7  OP2 ? A DA  6  ? A DA  7   ? 1_555  CA ? D CA . ? A CA 103 ? 1_555 OP2 ? A DA  6  ? A DA  7   ? 1_555  0.0   ? 
8  OP2 ? A DA  6  ? A DA  7   ? 1_555  CA ? D CA . ? A CA 103 ? 1_555 O   ? H HOH .  ? A HOH 230 ? 1_555  83.2  ? 
9  OP2 ? A DA  6  ? A DA  7   ? 1_555  CA ? D CA . ? A CA 103 ? 1_555 O   ? H HOH .  ? A HOH 230 ? 1_555  83.2  ? 
10 OP2 ? A DA  6  ? A DA  7   ? 1_555  CA ? D CA . ? A CA 103 ? 1_555 O   ? H HOH .  ? A HOH 230 ? 2_445  171.3 ? 
11 OP2 ? A DA  6  ? A DA  7   ? 1_555  CA ? D CA . ? A CA 103 ? 1_555 O   ? H HOH .  ? A HOH 230 ? 2_445  171.3 ? 
12 O   ? H HOH .  ? A HOH 230 ? 1_555  CA ? D CA . ? A CA 103 ? 1_555 O   ? H HOH .  ? A HOH 230 ? 2_445  88.5  ? 
13 OP1 ? A DG  15 ? A DG  16  ? 1_555  CA ? E CA . ? A CA 104 ? 1_555 O   ? H HOH .  ? A HOH 210 ? 1_555  65.9  ? 
14 OP1 ? A DG  15 ? A DG  16  ? 1_555  CA ? E CA . ? A CA 104 ? 1_555 O   ? H HOH .  ? A HOH 219 ? 3_545  158.5 ? 
15 O   ? H HOH .  ? A HOH 210 ? 1_555  CA ? E CA . ? A CA 104 ? 1_555 O   ? H HOH .  ? A HOH 219 ? 3_545  102.8 ? 
16 OP1 ? A DG  15 ? A DG  16  ? 1_555  CA ? E CA . ? A CA 104 ? 1_555 O   A H HOH .  ? A HOH 228 ? 1_555  93.5  ? 
17 O   ? H HOH .  ? A HOH 210 ? 1_555  CA ? E CA . ? A CA 104 ? 1_555 O   A H HOH .  ? A HOH 228 ? 1_555  78.5  ? 
18 O   ? H HOH .  ? A HOH 219 ? 3_545  CA ? E CA . ? A CA 104 ? 1_555 O   A H HOH .  ? A HOH 228 ? 1_555  65.6  ? 
19 OP1 ? A DG  15 ? A DG  16  ? 1_555  CA ? E CA . ? A CA 104 ? 1_555 O   B H HOH .  ? A HOH 228 ? 1_555  89.5  ? 
20 O   ? H HOH .  ? A HOH 210 ? 1_555  CA ? E CA . ? A CA 104 ? 1_555 O   B H HOH .  ? A HOH 228 ? 1_555  106.2 ? 
21 O   ? H HOH .  ? A HOH 219 ? 3_545  CA ? E CA . ? A CA 104 ? 1_555 O   B H HOH .  ? A HOH 228 ? 1_555  75.8  ? 
22 O   A H HOH .  ? A HOH 228 ? 1_555  CA ? E CA . ? A CA 104 ? 1_555 O   B H HOH .  ? A HOH 228 ? 1_555  32.5  ? 
23 OP1 ? A DG  15 ? A DG  16  ? 1_555  CA ? E CA . ? A CA 104 ? 1_555 O   A H HOH .  ? A HOH 232 ? 1_555  104.1 ? 
24 O   ? H HOH .  ? A HOH 210 ? 1_555  CA ? E CA . ? A CA 104 ? 1_555 O   A H HOH .  ? A HOH 232 ? 1_555  141.9 ? 
25 O   ? H HOH .  ? A HOH 219 ? 3_545  CA ? E CA . ? A CA 104 ? 1_555 O   A H HOH .  ? A HOH 232 ? 1_555  72.9  ? 
26 O   A H HOH .  ? A HOH 228 ? 1_555  CA ? E CA . ? A CA 104 ? 1_555 O   A H HOH .  ? A HOH 232 ? 1_555  65.0  ? 
27 O   B H HOH .  ? A HOH 228 ? 1_555  CA ? E CA . ? A CA 104 ? 1_555 O   A H HOH .  ? A HOH 232 ? 1_555  35.7  ? 
28 OP1 ? A DG  15 ? A DG  16  ? 1_555  CA ? E CA . ? A CA 104 ? 1_555 O   ? H HOH .  ? A HOH 233 ? 1_555  102.7 ? 
29 O   ? H HOH .  ? A HOH 210 ? 1_555  CA ? E CA . ? A CA 104 ? 1_555 O   ? H HOH .  ? A HOH 233 ? 1_555  168.6 ? 
30 O   ? H HOH .  ? A HOH 219 ? 3_545  CA ? E CA . ? A CA 104 ? 1_555 O   ? H HOH .  ? A HOH 233 ? 1_555  87.9  ? 
31 O   A H HOH .  ? A HOH 228 ? 1_555  CA ? E CA . ? A CA 104 ? 1_555 O   ? H HOH .  ? A HOH 233 ? 1_555  102.9 ? 
32 O   B H HOH .  ? A HOH 228 ? 1_555  CA ? E CA . ? A CA 104 ? 1_555 O   ? H HOH .  ? A HOH 233 ? 1_555  72.4  ? 
33 O   A H HOH .  ? A HOH 232 ? 1_555  CA ? E CA . ? A CA 104 ? 1_555 O   ? H HOH .  ? A HOH 233 ? 1_555  37.9  ? 
34 OP1 ? A DC  16 ? A DC  17  ? 1_555  CA ? B CA . ? A CA 101 ? 1_555 OP1 ? A DC  16 ? A DC  17  ? 1_555  0.0   ? 
35 OP1 ? A DC  16 ? A DC  17  ? 1_555  CA ? B CA . ? A CA 101 ? 1_555 O   ? H HOH .  ? A HOH 221 ? 1_555  91.0  ? 
36 OP1 ? A DC  16 ? A DC  17  ? 1_555  CA ? B CA . ? A CA 101 ? 1_555 O   ? H HOH .  ? A HOH 221 ? 1_555  91.0  ? 
37 OP1 ? A DC  16 ? A DC  17  ? 1_555  CA ? B CA . ? A CA 101 ? 1_555 O   ? H HOH .  ? A HOH 221 ? 2_445  98.1  ? 
38 OP1 ? A DC  16 ? A DC  17  ? 1_555  CA ? B CA . ? A CA 101 ? 1_555 O   ? H HOH .  ? A HOH 221 ? 2_445  98.1  ? 
39 O   ? H HOH .  ? A HOH 221 ? 1_555  CA ? B CA . ? A CA 101 ? 1_555 O   ? H HOH .  ? A HOH 221 ? 2_445  70.0  ? 
40 O   ? H HOH .  ? A HOH 234 ? 17_435 CA ? F CA . ? A CA 105 ? 1_555 O   ? H HOH .  ? A HOH 235 ? 1_555  62.9  ? 
41 O   ? H HOH .  ? A HOH 234 ? 17_435 CA ? F CA . ? A CA 105 ? 1_555 O   ? H HOH .  ? A HOH 236 ? 1_555  137.1 ? 
42 O   ? H HOH .  ? A HOH 235 ? 1_555  CA ? F CA . ? A CA 105 ? 1_555 O   ? H HOH .  ? A HOH 236 ? 1_555  74.5  ? 
43 O   ? H HOH .  ? A HOH 234 ? 17_435 CA ? F CA . ? A CA 105 ? 1_555 O   ? H HOH .  ? A HOH 237 ? 1_555  77.1  ? 
44 O   ? H HOH .  ? A HOH 235 ? 1_555  CA ? F CA . ? A CA 105 ? 1_555 O   ? H HOH .  ? A HOH 237 ? 1_555  138.4 ? 
45 O   ? H HOH .  ? A HOH 236 ? 1_555  CA ? F CA . ? A CA 105 ? 1_555 O   ? H HOH .  ? A HOH 237 ? 1_555  145.6 ? 
46 O   ? H HOH .  ? A HOH 234 ? 17_435 CA ? F CA . ? A CA 105 ? 1_555 O   ? H HOH .  ? A HOH 238 ? 18_335 70.5  ? 
47 O   ? H HOH .  ? A HOH 235 ? 1_555  CA ? F CA . ? A CA 105 ? 1_555 O   ? H HOH .  ? A HOH 238 ? 18_335 113.2 ? 
48 O   ? H HOH .  ? A HOH 236 ? 1_555  CA ? F CA . ? A CA 105 ? 1_555 O   ? H HOH .  ? A HOH 238 ? 18_335 126.0 ? 
49 O   ? H HOH .  ? A HOH 237 ? 1_555  CA ? F CA . ? A CA 105 ? 1_555 O   ? H HOH .  ? A HOH 238 ? 18_335 59.2  ? 
50 O   ? H HOH .  ? A HOH 214 ? 1_555  CA ? G CA . ? A CA 106 ? 1_555 O   ? H HOH .  ? A HOH 217 ? 1_555  58.5  ? 
# 
loop_
_struct_site.id 
_struct_site.pdbx_evidence_code 
_struct_site.pdbx_auth_asym_id 
_struct_site.pdbx_auth_comp_id 
_struct_site.pdbx_auth_seq_id 
_struct_site.pdbx_auth_ins_code 
_struct_site.pdbx_num_residues 
_struct_site.details 
AC1 Software A CA 101 ? 6 'binding site for residue CA A 101' 
AC2 Software A CA 102 ? 6 'binding site for residue CA A 102' 
AC3 Software A CA 103 ? 6 'binding site for residue CA A 103' 
AC4 Software A CA 104 ? 5 'binding site for residue CA A 104' 
AC5 Software A CA 105 ? 5 'binding site for residue CA A 105' 
AC6 Software A CA 106 ? 3 'binding site for residue CA A 106' 
# 
loop_
_struct_site_gen.id 
_struct_site_gen.site_id 
_struct_site_gen.pdbx_num_res 
_struct_site_gen.label_comp_id 
_struct_site_gen.label_asym_id 
_struct_site_gen.label_seq_id 
_struct_site_gen.pdbx_auth_ins_code 
_struct_site_gen.auth_comp_id 
_struct_site_gen.auth_asym_id 
_struct_site_gen.auth_seq_id 
_struct_site_gen.label_atom_id 
_struct_site_gen.label_alt_id 
_struct_site_gen.symmetry 
_struct_site_gen.details 
1  AC1 6 DC  A 16 ? DC  A 17  . ? 2_445  ? 
2  AC1 6 DC  A 16 ? DC  A 17  . ? 1_555  ? 
3  AC1 6 DC  A 16 ? DC  A 17  . ? 3_545  ? 
4  AC1 6 HOH H .  ? HOH A 221 . ? 2_445  ? 
5  AC1 6 HOH H .  ? HOH A 221 . ? 3_545  ? 
6  AC1 6 HOH H .  ? HOH A 221 . ? 1_555  ? 
7  AC2 6 DA  A 6  ? DA  A 7   . ? 1_555  ? 
8  AC2 6 DA  A 6  ? DA  A 7   . ? 2_445  ? 
9  AC2 6 DA  A 6  ? DA  A 7   . ? 3_545  ? 
10 AC2 6 HOH H .  ? HOH A 216 . ? 2_445  ? 
11 AC2 6 HOH H .  ? HOH A 216 . ? 3_545  ? 
12 AC2 6 HOH H .  ? HOH A 216 . ? 1_555  ? 
13 AC3 6 DA  A 6  ? DA  A 7   . ? 1_555  ? 
14 AC3 6 DA  A 6  ? DA  A 7   . ? 3_545  ? 
15 AC3 6 DA  A 6  ? DA  A 7   . ? 2_445  ? 
16 AC3 6 HOH H .  ? HOH A 230 . ? 3_545  ? 
17 AC3 6 HOH H .  ? HOH A 230 . ? 2_445  ? 
18 AC3 6 HOH H .  ? HOH A 230 . ? 1_555  ? 
19 AC4 5 DG  A 15 ? DG  A 16  . ? 1_555  ? 
20 AC4 5 HOH H .  ? HOH A 210 . ? 1_555  ? 
21 AC4 5 HOH H .  ? HOH A 219 . ? 3_545  ? 
22 AC4 5 HOH H .  ? HOH A 228 . ? 1_555  ? 
23 AC4 5 HOH H .  ? HOH A 232 . ? 1_555  ? 
24 AC5 5 HOH H .  ? HOH A 234 . ? 17_435 ? 
25 AC5 5 HOH H .  ? HOH A 235 . ? 1_555  ? 
26 AC5 5 HOH H .  ? HOH A 236 . ? 1_555  ? 
27 AC5 5 HOH H .  ? HOH A 237 . ? 1_555  ? 
28 AC5 5 HOH H .  ? HOH A 238 . ? 18_335 ? 
29 AC6 3 DA  A 7  ? DA  A 8   . ? 1_555  ? 
30 AC6 3 HOH H .  ? HOH A 214 . ? 1_555  ? 
31 AC6 3 HOH H .  ? HOH A 217 . ? 1_555  ? 
# 
loop_
_pdbx_validate_close_contact.id 
_pdbx_validate_close_contact.PDB_model_num 
_pdbx_validate_close_contact.auth_atom_id_1 
_pdbx_validate_close_contact.auth_asym_id_1 
_pdbx_validate_close_contact.auth_comp_id_1 
_pdbx_validate_close_contact.auth_seq_id_1 
_pdbx_validate_close_contact.PDB_ins_code_1 
_pdbx_validate_close_contact.label_alt_id_1 
_pdbx_validate_close_contact.auth_atom_id_2 
_pdbx_validate_close_contact.auth_asym_id_2 
_pdbx_validate_close_contact.auth_comp_id_2 
_pdbx_validate_close_contact.auth_seq_id_2 
_pdbx_validate_close_contact.PDB_ins_code_2 
_pdbx_validate_close_contact.label_alt_id_2 
_pdbx_validate_close_contact.dist 
1 1 OP1 A DT  4   ? ? O A HOH 201 ? ? 2.04 
2 1 O   A HOH 226 ? ? O A HOH 234 ? ? 2.06 
3 1 OP2 A DT  4   ? ? O A HOH 202 ? ? 2.08 
4 1 OP2 A DT  4   ? ? O A HOH 203 ? ? 2.16 
5 1 OP1 A DA  15  ? ? O A HOH 204 ? ? 2.16 
6 1 OP1 A DT  4   ? ? O A HOH 205 ? ? 2.18 
# 
_pdbx_validate_symm_contact.id                1 
_pdbx_validate_symm_contact.PDB_model_num     1 
_pdbx_validate_symm_contact.auth_atom_id_1    OP2 
_pdbx_validate_symm_contact.auth_asym_id_1    A 
_pdbx_validate_symm_contact.auth_comp_id_1    DC 
_pdbx_validate_symm_contact.auth_seq_id_1     3 
_pdbx_validate_symm_contact.PDB_ins_code_1    ? 
_pdbx_validate_symm_contact.label_alt_id_1    ? 
_pdbx_validate_symm_contact.site_symmetry_1   1_555 
_pdbx_validate_symm_contact.auth_atom_id_2    O 
_pdbx_validate_symm_contact.auth_asym_id_2    A 
_pdbx_validate_symm_contact.auth_comp_id_2    HOH 
_pdbx_validate_symm_contact.auth_seq_id_2     205 
_pdbx_validate_symm_contact.PDB_ins_code_2    ? 
_pdbx_validate_symm_contact.label_alt_id_2    ? 
_pdbx_validate_symm_contact.site_symmetry_2   3_445 
_pdbx_validate_symm_contact.dist              2.18 
# 
loop_
_pdbx_struct_special_symmetry.id 
_pdbx_struct_special_symmetry.PDB_model_num 
_pdbx_struct_special_symmetry.auth_asym_id 
_pdbx_struct_special_symmetry.auth_comp_id 
_pdbx_struct_special_symmetry.auth_seq_id 
_pdbx_struct_special_symmetry.PDB_ins_code 
_pdbx_struct_special_symmetry.label_asym_id 
_pdbx_struct_special_symmetry.label_comp_id 
_pdbx_struct_special_symmetry.label_seq_id 
1 1 A CA  101 ? B CA  . 
2 1 A CA  102 ? C CA  . 
3 1 A CA  103 ? D CA  . 
4 1 A HOH 213 ? H HOH . 
5 1 A HOH 227 ? H HOH . 
# 
loop_
_chem_comp_atom.comp_id 
_chem_comp_atom.atom_id 
_chem_comp_atom.type_symbol 
_chem_comp_atom.pdbx_aromatic_flag 
_chem_comp_atom.pdbx_stereo_config 
_chem_comp_atom.pdbx_ordinal 
CA  CA     CA N N 1   
DA  OP3    O  N N 2   
DA  P      P  N N 3   
DA  OP1    O  N N 4   
DA  OP2    O  N N 5   
DA  "O5'"  O  N N 6   
DA  "C5'"  C  N N 7   
DA  "C4'"  C  N R 8   
DA  "O4'"  O  N N 9   
DA  "C3'"  C  N S 10  
DA  "O3'"  O  N N 11  
DA  "C2'"  C  N N 12  
DA  "C1'"  C  N R 13  
DA  N9     N  Y N 14  
DA  C8     C  Y N 15  
DA  N7     N  Y N 16  
DA  C5     C  Y N 17  
DA  C6     C  Y N 18  
DA  N6     N  N N 19  
DA  N1     N  Y N 20  
DA  C2     C  Y N 21  
DA  N3     N  Y N 22  
DA  C4     C  Y N 23  
DA  HOP3   H  N N 24  
DA  HOP2   H  N N 25  
DA  "H5'"  H  N N 26  
DA  "H5''" H  N N 27  
DA  "H4'"  H  N N 28  
DA  "H3'"  H  N N 29  
DA  "HO3'" H  N N 30  
DA  "H2'"  H  N N 31  
DA  "H2''" H  N N 32  
DA  "H1'"  H  N N 33  
DA  H8     H  N N 34  
DA  H61    H  N N 35  
DA  H62    H  N N 36  
DA  H2     H  N N 37  
DC  OP3    O  N N 38  
DC  P      P  N N 39  
DC  OP1    O  N N 40  
DC  OP2    O  N N 41  
DC  "O5'"  O  N N 42  
DC  "C5'"  C  N N 43  
DC  "C4'"  C  N R 44  
DC  "O4'"  O  N N 45  
DC  "C3'"  C  N S 46  
DC  "O3'"  O  N N 47  
DC  "C2'"  C  N N 48  
DC  "C1'"  C  N R 49  
DC  N1     N  N N 50  
DC  C2     C  N N 51  
DC  O2     O  N N 52  
DC  N3     N  N N 53  
DC  C4     C  N N 54  
DC  N4     N  N N 55  
DC  C5     C  N N 56  
DC  C6     C  N N 57  
DC  HOP3   H  N N 58  
DC  HOP2   H  N N 59  
DC  "H5'"  H  N N 60  
DC  "H5''" H  N N 61  
DC  "H4'"  H  N N 62  
DC  "H3'"  H  N N 63  
DC  "HO3'" H  N N 64  
DC  "H2'"  H  N N 65  
DC  "H2''" H  N N 66  
DC  "H1'"  H  N N 67  
DC  H41    H  N N 68  
DC  H42    H  N N 69  
DC  H5     H  N N 70  
DC  H6     H  N N 71  
DG  OP3    O  N N 72  
DG  P      P  N N 73  
DG  OP1    O  N N 74  
DG  OP2    O  N N 75  
DG  "O5'"  O  N N 76  
DG  "C5'"  C  N N 77  
DG  "C4'"  C  N R 78  
DG  "O4'"  O  N N 79  
DG  "C3'"  C  N S 80  
DG  "O3'"  O  N N 81  
DG  "C2'"  C  N N 82  
DG  "C1'"  C  N R 83  
DG  N9     N  Y N 84  
DG  C8     C  Y N 85  
DG  N7     N  Y N 86  
DG  C5     C  Y N 87  
DG  C6     C  N N 88  
DG  O6     O  N N 89  
DG  N1     N  N N 90  
DG  C2     C  N N 91  
DG  N2     N  N N 92  
DG  N3     N  N N 93  
DG  C4     C  Y N 94  
DG  HOP3   H  N N 95  
DG  HOP2   H  N N 96  
DG  "H5'"  H  N N 97  
DG  "H5''" H  N N 98  
DG  "H4'"  H  N N 99  
DG  "H3'"  H  N N 100 
DG  "HO3'" H  N N 101 
DG  "H2'"  H  N N 102 
DG  "H2''" H  N N 103 
DG  "H1'"  H  N N 104 
DG  H8     H  N N 105 
DG  H1     H  N N 106 
DG  H21    H  N N 107 
DG  H22    H  N N 108 
DT  OP3    O  N N 109 
DT  P      P  N N 110 
DT  OP1    O  N N 111 
DT  OP2    O  N N 112 
DT  "O5'"  O  N N 113 
DT  "C5'"  C  N N 114 
DT  "C4'"  C  N R 115 
DT  "O4'"  O  N N 116 
DT  "C3'"  C  N S 117 
DT  "O3'"  O  N N 118 
DT  "C2'"  C  N N 119 
DT  "C1'"  C  N R 120 
DT  N1     N  N N 121 
DT  C2     C  N N 122 
DT  O2     O  N N 123 
DT  N3     N  N N 124 
DT  C4     C  N N 125 
DT  O4     O  N N 126 
DT  C5     C  N N 127 
DT  C7     C  N N 128 
DT  C6     C  N N 129 
DT  HOP3   H  N N 130 
DT  HOP2   H  N N 131 
DT  "H5'"  H  N N 132 
DT  "H5''" H  N N 133 
DT  "H4'"  H  N N 134 
DT  "H3'"  H  N N 135 
DT  "HO3'" H  N N 136 
DT  "H2'"  H  N N 137 
DT  "H2''" H  N N 138 
DT  "H1'"  H  N N 139 
DT  H3     H  N N 140 
DT  H71    H  N N 141 
DT  H72    H  N N 142 
DT  H73    H  N N 143 
DT  H6     H  N N 144 
HOH O      O  N N 145 
HOH H1     H  N N 146 
HOH H2     H  N N 147 
# 
loop_
_chem_comp_bond.comp_id 
_chem_comp_bond.atom_id_1 
_chem_comp_bond.atom_id_2 
_chem_comp_bond.value_order 
_chem_comp_bond.pdbx_aromatic_flag 
_chem_comp_bond.pdbx_stereo_config 
_chem_comp_bond.pdbx_ordinal 
DA  OP3   P      sing N N 1   
DA  OP3   HOP3   sing N N 2   
DA  P     OP1    doub N N 3   
DA  P     OP2    sing N N 4   
DA  P     "O5'"  sing N N 5   
DA  OP2   HOP2   sing N N 6   
DA  "O5'" "C5'"  sing N N 7   
DA  "C5'" "C4'"  sing N N 8   
DA  "C5'" "H5'"  sing N N 9   
DA  "C5'" "H5''" sing N N 10  
DA  "C4'" "O4'"  sing N N 11  
DA  "C4'" "C3'"  sing N N 12  
DA  "C4'" "H4'"  sing N N 13  
DA  "O4'" "C1'"  sing N N 14  
DA  "C3'" "O3'"  sing N N 15  
DA  "C3'" "C2'"  sing N N 16  
DA  "C3'" "H3'"  sing N N 17  
DA  "O3'" "HO3'" sing N N 18  
DA  "C2'" "C1'"  sing N N 19  
DA  "C2'" "H2'"  sing N N 20  
DA  "C2'" "H2''" sing N N 21  
DA  "C1'" N9     sing N N 22  
DA  "C1'" "H1'"  sing N N 23  
DA  N9    C8     sing Y N 24  
DA  N9    C4     sing Y N 25  
DA  C8    N7     doub Y N 26  
DA  C8    H8     sing N N 27  
DA  N7    C5     sing Y N 28  
DA  C5    C6     sing Y N 29  
DA  C5    C4     doub Y N 30  
DA  C6    N6     sing N N 31  
DA  C6    N1     doub Y N 32  
DA  N6    H61    sing N N 33  
DA  N6    H62    sing N N 34  
DA  N1    C2     sing Y N 35  
DA  C2    N3     doub Y N 36  
DA  C2    H2     sing N N 37  
DA  N3    C4     sing Y N 38  
DC  OP3   P      sing N N 39  
DC  OP3   HOP3   sing N N 40  
DC  P     OP1    doub N N 41  
DC  P     OP2    sing N N 42  
DC  P     "O5'"  sing N N 43  
DC  OP2   HOP2   sing N N 44  
DC  "O5'" "C5'"  sing N N 45  
DC  "C5'" "C4'"  sing N N 46  
DC  "C5'" "H5'"  sing N N 47  
DC  "C5'" "H5''" sing N N 48  
DC  "C4'" "O4'"  sing N N 49  
DC  "C4'" "C3'"  sing N N 50  
DC  "C4'" "H4'"  sing N N 51  
DC  "O4'" "C1'"  sing N N 52  
DC  "C3'" "O3'"  sing N N 53  
DC  "C3'" "C2'"  sing N N 54  
DC  "C3'" "H3'"  sing N N 55  
DC  "O3'" "HO3'" sing N N 56  
DC  "C2'" "C1'"  sing N N 57  
DC  "C2'" "H2'"  sing N N 58  
DC  "C2'" "H2''" sing N N 59  
DC  "C1'" N1     sing N N 60  
DC  "C1'" "H1'"  sing N N 61  
DC  N1    C2     sing N N 62  
DC  N1    C6     sing N N 63  
DC  C2    O2     doub N N 64  
DC  C2    N3     sing N N 65  
DC  N3    C4     doub N N 66  
DC  C4    N4     sing N N 67  
DC  C4    C5     sing N N 68  
DC  N4    H41    sing N N 69  
DC  N4    H42    sing N N 70  
DC  C5    C6     doub N N 71  
DC  C5    H5     sing N N 72  
DC  C6    H6     sing N N 73  
DG  OP3   P      sing N N 74  
DG  OP3   HOP3   sing N N 75  
DG  P     OP1    doub N N 76  
DG  P     OP2    sing N N 77  
DG  P     "O5'"  sing N N 78  
DG  OP2   HOP2   sing N N 79  
DG  "O5'" "C5'"  sing N N 80  
DG  "C5'" "C4'"  sing N N 81  
DG  "C5'" "H5'"  sing N N 82  
DG  "C5'" "H5''" sing N N 83  
DG  "C4'" "O4'"  sing N N 84  
DG  "C4'" "C3'"  sing N N 85  
DG  "C4'" "H4'"  sing N N 86  
DG  "O4'" "C1'"  sing N N 87  
DG  "C3'" "O3'"  sing N N 88  
DG  "C3'" "C2'"  sing N N 89  
DG  "C3'" "H3'"  sing N N 90  
DG  "O3'" "HO3'" sing N N 91  
DG  "C2'" "C1'"  sing N N 92  
DG  "C2'" "H2'"  sing N N 93  
DG  "C2'" "H2''" sing N N 94  
DG  "C1'" N9     sing N N 95  
DG  "C1'" "H1'"  sing N N 96  
DG  N9    C8     sing Y N 97  
DG  N9    C4     sing Y N 98  
DG  C8    N7     doub Y N 99  
DG  C8    H8     sing N N 100 
DG  N7    C5     sing Y N 101 
DG  C5    C6     sing N N 102 
DG  C5    C4     doub Y N 103 
DG  C6    O6     doub N N 104 
DG  C6    N1     sing N N 105 
DG  N1    C2     sing N N 106 
DG  N1    H1     sing N N 107 
DG  C2    N2     sing N N 108 
DG  C2    N3     doub N N 109 
DG  N2    H21    sing N N 110 
DG  N2    H22    sing N N 111 
DG  N3    C4     sing N N 112 
DT  OP3   P      sing N N 113 
DT  OP3   HOP3   sing N N 114 
DT  P     OP1    doub N N 115 
DT  P     OP2    sing N N 116 
DT  P     "O5'"  sing N N 117 
DT  OP2   HOP2   sing N N 118 
DT  "O5'" "C5'"  sing N N 119 
DT  "C5'" "C4'"  sing N N 120 
DT  "C5'" "H5'"  sing N N 121 
DT  "C5'" "H5''" sing N N 122 
DT  "C4'" "O4'"  sing N N 123 
DT  "C4'" "C3'"  sing N N 124 
DT  "C4'" "H4'"  sing N N 125 
DT  "O4'" "C1'"  sing N N 126 
DT  "C3'" "O3'"  sing N N 127 
DT  "C3'" "C2'"  sing N N 128 
DT  "C3'" "H3'"  sing N N 129 
DT  "O3'" "HO3'" sing N N 130 
DT  "C2'" "C1'"  sing N N 131 
DT  "C2'" "H2'"  sing N N 132 
DT  "C2'" "H2''" sing N N 133 
DT  "C1'" N1     sing N N 134 
DT  "C1'" "H1'"  sing N N 135 
DT  N1    C2     sing N N 136 
DT  N1    C6     sing N N 137 
DT  C2    O2     doub N N 138 
DT  C2    N3     sing N N 139 
DT  N3    C4     sing N N 140 
DT  N3    H3     sing N N 141 
DT  C4    O4     doub N N 142 
DT  C4    C5     sing N N 143 
DT  C5    C7     sing N N 144 
DT  C5    C6     doub N N 145 
DT  C7    H71    sing N N 146 
DT  C7    H72    sing N N 147 
DT  C7    H73    sing N N 148 
DT  C6    H6     sing N N 149 
HOH O     H1     sing N N 150 
HOH O     H2     sing N N 151 
# 
_ndb_struct_conf_na.entry_id   6QT6 
_ndb_struct_conf_na.feature    'b-form double helix' 
# 
loop_
_ndb_struct_na_base_pair.model_number 
_ndb_struct_na_base_pair.i_label_asym_id 
_ndb_struct_na_base_pair.i_label_comp_id 
_ndb_struct_na_base_pair.i_label_seq_id 
_ndb_struct_na_base_pair.i_symmetry 
_ndb_struct_na_base_pair.j_label_asym_id 
_ndb_struct_na_base_pair.j_label_comp_id 
_ndb_struct_na_base_pair.j_label_seq_id 
_ndb_struct_na_base_pair.j_symmetry 
_ndb_struct_na_base_pair.shear 
_ndb_struct_na_base_pair.stretch 
_ndb_struct_na_base_pair.stagger 
_ndb_struct_na_base_pair.buckle 
_ndb_struct_na_base_pair.propeller 
_ndb_struct_na_base_pair.opening 
_ndb_struct_na_base_pair.pair_number 
_ndb_struct_na_base_pair.pair_name 
_ndb_struct_na_base_pair.i_auth_asym_id 
_ndb_struct_na_base_pair.i_auth_seq_id 
_ndb_struct_na_base_pair.i_PDB_ins_code 
_ndb_struct_na_base_pair.j_auth_asym_id 
_ndb_struct_na_base_pair.j_auth_seq_id 
_ndb_struct_na_base_pair.j_PDB_ins_code 
_ndb_struct_na_base_pair.hbond_type_28 
_ndb_struct_na_base_pair.hbond_type_12 
1 A DG 1  1_555 A DC 16 17_435 -0.207 -0.314 0.017  -0.522  -3.732  -3.574 1  A_DG2:DC17_A A 2  ? A 17 ? 19 1 
1 A DC 2  1_555 A DG 15 17_435 -0.296 -0.090 0.329  -8.813  -14.659 -1.142 2  A_DC3:DG16_A A 3  ? A 16 ? 19 1 
1 A DT 3  1_555 A DA 14 17_435 -0.053 -0.115 -0.112 0.897   -13.034 1.281  3  A_DT4:DA15_A A 4  ? A 15 ? 20 1 
1 A DG 4  1_555 A DC 13 17_435 -0.007 0.094  0.065  -4.582  -15.081 3.189  4  A_DG5:DC14_A A 5  ? A 14 ? 19 1 
1 A DG 5  1_555 A DC 12 17_435 0.129  0.045  -0.032 6.900   -2.725  -0.216 5  A_DG6:DC13_A A 6  ? A 13 ? 19 1 
1 A DA 6  1_555 A DT 11 17_435 -0.257 -0.043 0.215  11.462  -12.920 0.845  6  A_DA7:DT12_A A 7  ? A 12 ? 20 1 
1 A DA 7  1_555 A DT 10 17_435 0.781  -0.180 -0.431 1.808   -16.161 -8.882 7  A_DA8:DT11_A A 8  ? A 11 ? 20 1 
1 A DA 8  1_555 A DT 9  17_435 0.240  0.042  0.070  3.589   -18.285 -0.783 8  A_DA9:DT10_A A 9  ? A 10 ? 20 1 
1 A DT 9  1_555 A DA 8  17_435 -0.240 0.042  0.070  -3.589  -18.285 -0.783 9  A_DT10:DA9_A A 10 ? A 9  ? 20 1 
1 A DT 10 1_555 A DA 7  17_435 -0.781 -0.180 -0.431 -1.808  -16.161 -8.882 10 A_DT11:DA8_A A 11 ? A 8  ? 20 1 
1 A DT 11 1_555 A DA 6  17_435 0.257  -0.043 0.215  -11.462 -12.920 0.845  11 A_DT12:DA7_A A 12 ? A 7  ? 20 1 
1 A DC 12 1_555 A DG 5  17_435 -0.129 0.045  -0.032 -6.900  -2.725  -0.216 12 A_DC13:DG6_A A 13 ? A 6  ? 19 1 
1 A DC 13 1_555 A DG 4  17_435 0.007  0.094  0.065  4.582   -15.081 3.189  13 A_DC14:DG5_A A 14 ? A 5  ? 19 1 
1 A DA 14 1_555 A DT 3  17_435 0.053  -0.115 -0.112 -0.897  -13.034 1.281  14 A_DA15:DT4_A A 15 ? A 4  ? 20 1 
1 A DG 15 1_555 A DC 2  17_435 0.296  -0.090 0.329  8.813   -14.659 -1.142 15 A_DG16:DC3_A A 16 ? A 3  ? 19 1 
1 A DC 16 1_555 A DG 1  17_435 0.207  -0.314 0.017  0.522   -3.732  -3.574 16 A_DC17:DG2_A A 17 ? A 2  ? 19 1 
# 
loop_
_ndb_struct_na_base_pair_step.model_number 
_ndb_struct_na_base_pair_step.i_label_asym_id_1 
_ndb_struct_na_base_pair_step.i_label_comp_id_1 
_ndb_struct_na_base_pair_step.i_label_seq_id_1 
_ndb_struct_na_base_pair_step.i_symmetry_1 
_ndb_struct_na_base_pair_step.j_label_asym_id_1 
_ndb_struct_na_base_pair_step.j_label_comp_id_1 
_ndb_struct_na_base_pair_step.j_label_seq_id_1 
_ndb_struct_na_base_pair_step.j_symmetry_1 
_ndb_struct_na_base_pair_step.i_label_asym_id_2 
_ndb_struct_na_base_pair_step.i_label_comp_id_2 
_ndb_struct_na_base_pair_step.i_label_seq_id_2 
_ndb_struct_na_base_pair_step.i_symmetry_2 
_ndb_struct_na_base_pair_step.j_label_asym_id_2 
_ndb_struct_na_base_pair_step.j_label_comp_id_2 
_ndb_struct_na_base_pair_step.j_label_seq_id_2 
_ndb_struct_na_base_pair_step.j_symmetry_2 
_ndb_struct_na_base_pair_step.shift 
_ndb_struct_na_base_pair_step.slide 
_ndb_struct_na_base_pair_step.rise 
_ndb_struct_na_base_pair_step.tilt 
_ndb_struct_na_base_pair_step.roll 
_ndb_struct_na_base_pair_step.twist 
_ndb_struct_na_base_pair_step.x_displacement 
_ndb_struct_na_base_pair_step.y_displacement 
_ndb_struct_na_base_pair_step.helical_rise 
_ndb_struct_na_base_pair_step.inclination 
_ndb_struct_na_base_pair_step.tip 
_ndb_struct_na_base_pair_step.helical_twist 
_ndb_struct_na_base_pair_step.step_number 
_ndb_struct_na_base_pair_step.step_name 
_ndb_struct_na_base_pair_step.i_auth_asym_id_1 
_ndb_struct_na_base_pair_step.i_auth_seq_id_1 
_ndb_struct_na_base_pair_step.i_PDB_ins_code_1 
_ndb_struct_na_base_pair_step.j_auth_asym_id_1 
_ndb_struct_na_base_pair_step.j_auth_seq_id_1 
_ndb_struct_na_base_pair_step.j_PDB_ins_code_1 
_ndb_struct_na_base_pair_step.i_auth_asym_id_2 
_ndb_struct_na_base_pair_step.i_auth_seq_id_2 
_ndb_struct_na_base_pair_step.i_PDB_ins_code_2 
_ndb_struct_na_base_pair_step.j_auth_asym_id_2 
_ndb_struct_na_base_pair_step.j_auth_seq_id_2 
_ndb_struct_na_base_pair_step.j_PDB_ins_code_2 
1 A DG 1  1_555 A DC 16 17_435 A DC 2  1_555 A DG 15 17_435 -1.107 -0.504 3.526 -2.708 -5.090 33.661 0.031  1.412  3.637 -8.709 
4.634  34.137 1  AA_DG2DC3:DG16DC17_AA A 2  ? A 17 ? A 3  ? A 16 ? 
1 A DC 2  1_555 A DG 15 17_435 A DT 3  1_555 A DA 14 17_435 -0.257 -0.037 3.095 4.924  6.672  30.053 -1.265 1.362  2.941 12.568 
-9.276 31.150 2  AA_DC3DT4:DA15DG16_AA A 3  ? A 16 ? A 4  ? A 15 ? 
1 A DT 3  1_555 A DA 14 17_435 A DG 4  1_555 A DC 13 17_435 0.405  1.192  3.499 -0.630 8.043  38.234 0.710  -0.690 3.659 12.115 
0.949  39.045 3  AA_DT4DG5:DC14DA15_AA A 4  ? A 15 ? A 5  ? A 14 ? 
1 A DG 4  1_555 A DC 13 17_435 A DG 5  1_555 A DC 12 17_435 0.887  0.622  3.147 1.814  -0.758 30.391 1.331  -1.338 3.178 -1.443 
-3.456 30.453 4  AA_DG5DG6:DC13DC14_AA A 5  ? A 14 ? A 6  ? A 13 ? 
1 A DG 5  1_555 A DC 12 17_435 A DA 6  1_555 A DT 11 17_435 -1.250 0.851  3.293 -5.143 4.005  35.554 0.779  1.255  3.506 6.492  
8.335  36.128 5  AA_DG6DA7:DT12DC13_AA A 6  ? A 13 ? A 7  ? A 12 ? 
1 A DA 6  1_555 A DT 11 17_435 A DA 7  1_555 A DT 10 17_435 -0.045 0.645  3.783 4.569  5.897  34.153 0.029  0.885  3.801 9.895  
-7.667 34.935 6  AA_DA7DA8:DT11DT12_AA A 7  ? A 12 ? A 8  ? A 11 ? 
1 A DA 7  1_555 A DT 10 17_435 A DA 8  1_555 A DT 9  17_435 0.082  0.541  3.155 -4.087 2.638  36.803 0.509  -0.658 3.158 4.155  
6.439  37.112 7  AA_DA8DA9:DT10DT11_AA A 8  ? A 11 ? A 9  ? A 10 ? 
1 A DA 8  1_555 A DT 9  17_435 A DT 9  1_555 A DA 8  17_435 0.000  -0.476 3.540 0.000  0.173  35.000 -0.820 0.000  3.538 0.288  
0.000  35.000 8  AA_DA9DT10:DA9DT10_AA A 9  ? A 10 ? A 10 ? A 9  ? 
1 A DT 9  1_555 A DA 8  17_435 A DT 10 1_555 A DA 7  17_435 -0.082 0.541  3.155 4.087  2.638  36.803 0.509  0.658  3.158 4.155  
-6.439 37.112 9  AA_DT10DT11:DA8DA9_AA A 10 ? A 9  ? A 11 ? A 8  ? 
1 A DT 10 1_555 A DA 7  17_435 A DT 11 1_555 A DA 6  17_435 0.045  0.645  3.783 -4.569 5.897  34.153 0.029  -0.885 3.801 9.895  
7.667  34.935 10 AA_DT11DT12:DA7DA8_AA A 11 ? A 8  ? A 12 ? A 7  ? 
1 A DT 11 1_555 A DA 6  17_435 A DC 12 1_555 A DG 5  17_435 1.250  0.851  3.293 5.143  4.005  35.554 0.779  -1.255 3.506 6.492  
-8.335 36.128 11 AA_DT12DC13:DG6DA7_AA A 12 ? A 7  ? A 13 ? A 6  ? 
1 A DC 12 1_555 A DG 5  17_435 A DC 13 1_555 A DG 4  17_435 -0.887 0.622  3.147 -1.814 -0.758 30.391 1.331  1.338  3.178 -1.443 
3.456  30.453 12 AA_DC13DC14:DG5DG6_AA A 13 ? A 6  ? A 14 ? A 5  ? 
1 A DC 13 1_555 A DG 4  17_435 A DA 14 1_555 A DT 3  17_435 -0.405 1.192  3.499 0.630  8.043  38.234 0.710  0.690  3.659 12.115 
-0.949 39.045 13 AA_DC14DA15:DT4DG5_AA A 14 ? A 5  ? A 15 ? A 4  ? 
1 A DA 14 1_555 A DT 3  17_435 A DG 15 1_555 A DC 2  17_435 0.257  -0.037 3.095 -4.924 6.672  30.053 -1.265 -1.362 2.941 12.568 
9.276  31.150 14 AA_DA15DG16:DC3DT4_AA A 15 ? A 4  ? A 16 ? A 3  ? 
1 A DG 15 1_555 A DC 2  17_435 A DC 16 1_555 A DG 1  17_435 1.107  -0.504 3.526 2.708  -5.090 33.661 0.031  -1.412 3.637 -8.709 
-4.634 34.137 15 AA_DG16DC17:DG2DC3_AA A 16 ? A 3  ? A 17 ? A 2  ? 
# 
loop_
_pdbx_audit_support.funding_organization 
_pdbx_audit_support.country 
_pdbx_audit_support.grant_number 
_pdbx_audit_support.ordinal 
'European Molecular Biology Organization' Germany STF_7639                  1 
'European Union'                          Hungary VEKOP-2.3.3-15-2017-00018 2 
# 
_pdbx_initial_refinement_model.id               1 
_pdbx_initial_refinement_model.entity_id_list   ? 
_pdbx_initial_refinement_model.type             'experimental model' 
_pdbx_initial_refinement_model.source_name      PDB 
_pdbx_initial_refinement_model.accession_code   6QT1 
_pdbx_initial_refinement_model.details          ? 
# 
_atom_sites.entry_id                    6QT6 
_atom_sites.fract_transf_matrix[1][1]   -0.00765524 
_atom_sites.fract_transf_matrix[1][2]   -0.01298118 
_atom_sites.fract_transf_matrix[1][3]   -0.02736246 
_atom_sites.fract_transf_matrix[2][1]   0.01279608 
_atom_sites.fract_transf_matrix[2][2]   0.01061380 
_atom_sites.fract_transf_matrix[2][3]   -0.02644656 
_atom_sites.fract_transf_matrix[3][1]   0.00461264 
_atom_sites.fract_transf_matrix[3][2]   -0.00402205 
_atom_sites.fract_transf_matrix[3][3]   0.00061764 
_atom_sites.fract_transf_vector[1]      -0.591247 
_atom_sites.fract_transf_vector[2]      -0.624038 
_atom_sites.fract_transf_vector[3]      0.333741 
# 
loop_
_atom_type.symbol 
C  
CA 
N  
O  
P  
# 
loop_
_atom_site.group_PDB 
_atom_site.id 
_atom_site.type_symbol 
_atom_site.label_atom_id 
_atom_site.label_alt_id 
_atom_site.label_comp_id 
_atom_site.label_asym_id 
_atom_site.label_entity_id 
_atom_site.label_seq_id 
_atom_site.pdbx_PDB_ins_code 
_atom_site.Cartn_x 
_atom_site.Cartn_y 
_atom_site.Cartn_z 
_atom_site.occupancy 
_atom_site.B_iso_or_equiv 
_atom_site.pdbx_formal_charge 
_atom_site.auth_seq_id 
_atom_site.auth_comp_id 
_atom_site.auth_asym_id 
_atom_site.auth_atom_id 
_atom_site.pdbx_PDB_model_num 
ATOM   1   O  "O5'" . DG  A 1 1  ? 25.483  -7.529  6.166   1.00 91.27  ? 2   DG  A "O5'" 1 
ATOM   2   C  "C5'" . DG  A 1 1  ? 25.251  -8.950  6.263   1.00 77.19  ? 2   DG  A "C5'" 1 
ATOM   3   C  "C4'" . DG  A 1 1  ? 24.795  -9.487  4.929   1.00 66.93  ? 2   DG  A "C4'" 1 
ATOM   4   O  "O4'" . DG  A 1 1  ? 24.144  -10.763 5.132   1.00 64.30  ? 2   DG  A "O4'" 1 
ATOM   5   C  "C3'" . DG  A 1 1  ? 23.778  -8.611  4.201   1.00 62.66  ? 2   DG  A "C3'" 1 
ATOM   6   O  "O3'" . DG  A 1 1  ? 24.103  -8.675  2.817   1.00 60.93  ? 2   DG  A "O3'" 1 
ATOM   7   C  "C2'" . DG  A 1 1  ? 22.447  -9.248  4.571   1.00 60.56  ? 2   DG  A "C2'" 1 
ATOM   8   C  "C1'" . DG  A 1 1  ? 22.814  -10.719 4.634   1.00 55.53  ? 2   DG  A "C1'" 1 
ATOM   9   N  N9    . DG  A 1 1  ? 22.014  -11.617 5.463   1.00 52.33  ? 2   DG  A N9    1 
ATOM   10  C  C8    . DG  A 1 1  ? 21.907  -11.621 6.831   1.00 52.89  ? 2   DG  A C8    1 
ATOM   11  N  N7    . DG  A 1 1  ? 21.181  -12.609 7.285   1.00 51.57  ? 2   DG  A N7    1 
ATOM   12  C  C5    . DG  A 1 1  ? 20.831  -13.327 6.150   1.00 44.94  ? 2   DG  A C5    1 
ATOM   13  C  C6    . DG  A 1 1  ? 20.067  -14.513 6.014   1.00 51.11  ? 2   DG  A C6    1 
ATOM   14  O  O6    . DG  A 1 1  ? 19.548  -15.208 6.899   1.00 47.90  ? 2   DG  A O6    1 
ATOM   15  N  N1    . DG  A 1 1  ? 19.949  -14.889 4.680   1.00 49.84  ? 2   DG  A N1    1 
ATOM   16  C  C2    . DG  A 1 1  ? 20.509  -14.224 3.618   1.00 49.02  ? 2   DG  A C2    1 
ATOM   17  N  N2    . DG  A 1 1  ? 20.305  -14.758 2.413   1.00 49.11  ? 2   DG  A N2    1 
ATOM   18  N  N3    . DG  A 1 1  ? 21.245  -13.135 3.735   1.00 44.37  ? 2   DG  A N3    1 
ATOM   19  C  C4    . DG  A 1 1  ? 21.349  -12.735 5.019   1.00 48.80  ? 2   DG  A C4    1 
ATOM   20  P  P     . DC  A 1 2  ? 23.476  -7.641  1.773   1.00 68.25  ? 3   DC  A P     1 
ATOM   21  O  OP1   . DC  A 1 2  ? 24.546  -7.207  0.839   1.00 67.61  ? 3   DC  A OP1   1 
ATOM   22  O  OP2   . DC  A 1 2  ? 22.702  -6.616  2.512   1.00 67.84  ? 3   DC  A OP2   1 
ATOM   23  O  "O5'" . DC  A 1 2  ? 22.530  -8.585  0.913   1.00 59.49  ? 3   DC  A "O5'" 1 
ATOM   24  C  "C5'" . DC  A 1 2  ? 23.128  -9.404  -0.093  1.00 58.90  ? 3   DC  A "C5'" 1 
ATOM   25  C  "C4'" . DC  A 1 2  ? 22.085  -10.294 -0.712  1.00 53.18  ? 3   DC  A "C4'" 1 
ATOM   26  O  "O4'" . DC  A 1 2  ? 21.402  -11.010 0.338   1.00 52.12  ? 3   DC  A "O4'" 1 
ATOM   27  C  "C3'" . DC  A 1 2  ? 21.017  -9.498  -1.453  1.00 58.55  ? 3   DC  A "C3'" 1 
ATOM   28  O  "O3'" . DC  A 1 2  ? 20.821  -9.955  -2.797  1.00 61.38  ? 3   DC  A "O3'" 1 
ATOM   29  C  "C2'" . DC  A 1 2  ? 19.780  -9.641  -0.588  1.00 55.87  ? 3   DC  A "C2'" 1 
ATOM   30  C  "C1'" . DC  A 1 2  ? 20.016  -10.971 0.088   1.00 52.06  ? 3   DC  A "C1'" 1 
ATOM   31  N  N1    . DC  A 1 2  ? 19.332  -11.146 1.379   1.00 52.35  ? 3   DC  A N1    1 
ATOM   32  C  C2    . DC  A 1 2  ? 18.445  -12.204 1.525   1.00 48.57  ? 3   DC  A C2    1 
ATOM   33  O  O2    . DC  A 1 2  ? 18.239  -12.946 0.561   1.00 51.90  ? 3   DC  A O2    1 
ATOM   34  N  N3    . DC  A 1 2  ? 17.843  -12.404 2.718   1.00 45.51  ? 3   DC  A N3    1 
ATOM   35  C  C4    . DC  A 1 2  ? 18.089  -11.575 3.734   1.00 47.22  ? 3   DC  A C4    1 
ATOM   36  N  N4    . DC  A 1 2  ? 17.472  -11.809 4.895   1.00 50.37  ? 3   DC  A N4    1 
ATOM   37  C  C5    . DC  A 1 2  ? 18.996  -10.488 3.614   1.00 45.26  ? 3   DC  A C5    1 
ATOM   38  C  C6    . DC  A 1 2  ? 19.584  -10.306 2.427   1.00 53.30  ? 3   DC  A C6    1 
ATOM   39  P  P     . DT  A 1 3  ? 20.073  -8.976  -3.802  1.00 74.69  ? 4   DT  A P     1 
ATOM   40  O  OP1   . DT  A 1 3  ? 20.676  -9.096  -5.182  1.00 58.36  ? 4   DT  A OP1   1 
ATOM   41  O  OP2   . DT  A 1 3  ? 19.990  -7.646  -3.130  1.00 58.62  ? 4   DT  A OP2   1 
ATOM   42  O  "O5'" . DT  A 1 3  ? 18.592  -9.571  -3.807  1.00 77.28  ? 4   DT  A "O5'" 1 
ATOM   43  C  "C5'" . DT  A 1 3  ? 18.324  -10.974 -4.042  1.00 70.27  ? 4   DT  A "C5'" 1 
ATOM   44  C  "C4'" . DT  A 1 3  ? 16.851  -11.268 -3.869  1.00 68.69  ? 4   DT  A "C4'" 1 
ATOM   45  O  "O4'" . DT  A 1 3  ? 16.540  -11.483 -2.479  1.00 64.94  ? 4   DT  A "O4'" 1 
ATOM   46  C  "C3'" . DT  A 1 3  ? 15.900  -10.174 -4.363  1.00 64.09  ? 4   DT  A "C3'" 1 
ATOM   47  O  "O3'" . DT  A 1 3  ? 15.178  -10.731 -5.457  1.00 59.79  ? 4   DT  A "O3'" 1 
ATOM   48  C  "C2'" . DT  A 1 3  ? 15.042  -9.830  -3.157  1.00 61.07  ? 4   DT  A "C2'" 1 
ATOM   49  C  "C1'" . DT  A 1 3  ? 15.250  -10.992 -2.198  1.00 62.32  ? 4   DT  A "C1'" 1 
ATOM   50  N  N1    . DT  A 1 3  ? 15.220  -10.669 -0.757  1.00 57.11  ? 4   DT  A N1    1 
ATOM   51  C  C2    . DT  A 1 3  ? 14.638  -11.571 0.101   1.00 55.06  ? 4   DT  A C2    1 
ATOM   52  O  O2    . DT  A 1 3  ? 14.086  -12.587 -0.276  1.00 64.87  ? 4   DT  A O2    1 
ATOM   53  N  N3    . DT  A 1 3  ? 14.706  -11.227 1.424   1.00 50.81  ? 4   DT  A N3    1 
ATOM   54  C  C4    . DT  A 1 3  ? 15.300  -10.106 1.963   1.00 53.38  ? 4   DT  A C4    1 
ATOM   55  O  O4    . DT  A 1 3  ? 15.311  -9.945  3.176   1.00 51.32  ? 4   DT  A O4    1 
ATOM   56  C  C5    . DT  A 1 3  ? 15.896  -9.205  1.008   1.00 54.54  ? 4   DT  A C5    1 
ATOM   57  C  C7    . DT  A 1 3  ? 16.577  -7.969  1.503   1.00 55.34  ? 4   DT  A C7    1 
ATOM   58  C  C6    . DT  A 1 3  ? 15.837  -9.533  -0.288  1.00 53.76  ? 4   DT  A C6    1 
ATOM   59  P  P     . DG  A 1 4  ? 14.046  -9.920  -6.151  1.00 64.01  ? 5   DG  A P     1 
ATOM   60  O  OP1   . DG  A 1 4  ? 14.210  -10.035 -7.630  1.00 71.70  ? 5   DG  A OP1   1 
ATOM   61  O  OP2   . DG  A 1 4  ? 13.972  -8.576  -5.519  1.00 65.36  ? 5   DG  A OP2   1 
ATOM   62  O  "O5'" . DG  A 1 4  ? 12.756  -10.742 -5.731  1.00 58.47  ? 5   DG  A "O5'" 1 
ATOM   63  C  "C5'" . DG  A 1 4  ? 12.825  -12.124 -5.414  1.00 48.44  ? 5   DG  A "C5'" 1 
ATOM   64  C  "C4'" . DG  A 1 4  ? 11.517  -12.518 -4.780  1.00 49.12  ? 5   DG  A "C4'" 1 
ATOM   65  O  "O4'" . DG  A 1 4  ? 11.555  -12.116 -3.394  1.00 52.18  ? 5   DG  A "O4'" 1 
ATOM   66  C  "C3'" . DG  A 1 4  ? 10.297  -11.829 -5.385  1.00 50.79  ? 5   DG  A "C3'" 1 
ATOM   67  O  "O3'" . DG  A 1 4  ? 9.263   -12.819 -5.420  1.00 55.23  ? 5   DG  A "O3'" 1 
ATOM   68  C  "C2'" . DG  A 1 4  ? 10.083  -10.639 -4.461  1.00 55.27  ? 5   DG  A "C2'" 1 
ATOM   69  C  "C1'" . DG  A 1 4  ? 10.550  -11.162 -3.108  1.00 49.98  ? 5   DG  A "C1'" 1 
ATOM   70  N  N9    . DG  A 1 4  ? 11.123  -10.192 -2.176  1.00 49.24  ? 5   DG  A N9    1 
ATOM   71  C  C8    . DG  A 1 4  ? 11.902  -9.099  -2.475  1.00 54.11  ? 5   DG  A C8    1 
ATOM   72  N  N7    . DG  A 1 4  ? 12.328  -8.469  -1.412  1.00 47.96  ? 5   DG  A N7    1 
ATOM   73  C  C5    . DG  A 1 4  ? 11.802  -9.191  -0.352  1.00 41.89  ? 5   DG  A C5    1 
ATOM   74  C  C6    . DG  A 1 4  ? 11.924  -8.990  1.042   1.00 43.53  ? 5   DG  A C6    1 
ATOM   75  O  O6    . DG  A 1 4  ? 12.522  -8.090  1.642   1.00 52.95  ? 5   DG  A O6    1 
ATOM   76  N  N1    . DG  A 1 4  ? 11.253  -9.971  1.761   1.00 40.60  ? 5   DG  A N1    1 
ATOM   77  C  C2    . DG  A 1 4  ? 10.528  -10.995 1.207   1.00 40.70  ? 5   DG  A C2    1 
ATOM   78  N  N2    . DG  A 1 4  ? 9.911   -11.810 2.065   1.00 35.49  ? 5   DG  A N2    1 
ATOM   79  N  N3    . DG  A 1 4  ? 10.404  -11.194 -0.091  1.00 37.54  ? 5   DG  A N3    1 
ATOM   80  C  C4    . DG  A 1 4  ? 11.065  -10.263 -0.807  1.00 45.94  ? 5   DG  A C4    1 
ATOM   81  P  P     . DG  A 1 5  ? 7.813   -12.565 -6.084  1.00 54.04  ? 6   DG  A P     1 
ATOM   82  O  OP1   . DG  A 1 5  ? 7.190   -13.904 -6.279  1.00 49.35  ? 6   DG  A OP1   1 
ATOM   83  O  OP2   . DG  A 1 5  ? 7.934   -11.599 -7.212  1.00 55.92  ? 6   DG  A OP2   1 
ATOM   84  O  "O5'" . DG  A 1 5  ? 6.995   -11.892 -4.907  1.00 51.31  ? 6   DG  A "O5'" 1 
ATOM   85  C  "C5'" . DG  A 1 5  ? 6.826   -12.641 -3.694  1.00 53.81  ? 6   DG  A "C5'" 1 
ATOM   86  C  "C4'" . DG  A 1 5  ? 6.123   -11.797 -2.660  1.00 50.68  ? 6   DG  A "C4'" 1 
ATOM   87  O  "O4'" . DG  A 1 5  ? 7.061   -10.879 -2.055  1.00 51.09  ? 6   DG  A "O4'" 1 
ATOM   88  C  "C3'" . DG  A 1 5  ? 4.983   -10.932 -3.193  1.00 49.80  ? 6   DG  A "C3'" 1 
ATOM   89  O  "O3'" . DG  A 1 5  ? 3.930   -10.955 -2.241  1.00 42.66  ? 6   DG  A "O3'" 1 
ATOM   90  C  "C2'" . DG  A 1 5  ? 5.580   -9.538  -3.180  1.00 48.74  ? 6   DG  A "C2'" 1 
ATOM   91  C  "C1'" . DG  A 1 5  ? 6.409   -9.643  -1.925  1.00 47.72  ? 6   DG  A "C1'" 1 
ATOM   92  N  N9    . DG  A 1 5  ? 7.421   -8.619  -1.685  1.00 47.17  ? 6   DG  A N9    1 
ATOM   93  C  C8    . DG  A 1 5  ? 8.012   -7.768  -2.584  1.00 51.25  ? 6   DG  A C8    1 
ATOM   94  N  N7    . DG  A 1 5  ? 8.864   -6.948  -2.029  1.00 47.32  ? 6   DG  A N7    1 
ATOM   95  C  C5    . DG  A 1 5  ? 8.815   -7.269  -0.681  1.00 42.29  ? 6   DG  A C5    1 
ATOM   96  C  C6    . DG  A 1 5  ? 9.524   -6.729  0.411   1.00 49.57  ? 6   DG  A C6    1 
ATOM   97  O  O6    . DG  A 1 5  ? 10.364  -5.824  0.409   1.00 60.69  ? 6   DG  A O6    1 
ATOM   98  N  N1    . DG  A 1 5  ? 9.187   -7.361  1.603   1.00 44.83  ? 6   DG  A N1    1 
ATOM   99  C  C2    . DG  A 1 5  ? 8.299   -8.396  1.721   1.00 44.20  ? 6   DG  A C2    1 
ATOM   100 N  N2    . DG  A 1 5  ? 8.105   -8.873  2.955   1.00 44.23  ? 6   DG  A N2    1 
ATOM   101 N  N3    . DG  A 1 5  ? 7.621   -8.902  0.709   1.00 42.20  ? 6   DG  A N3    1 
ATOM   102 C  C4    . DG  A 1 5  ? 7.945   -8.312  -0.458  1.00 47.17  ? 6   DG  A C4    1 
ATOM   103 P  P     . DA  A 1 6  ? 2.779   -12.023 -2.329  1.00 44.13  ? 7   DA  A P     1 
ATOM   104 O  OP1   . DA  A 1 6  ? 3.367   -13.329 -2.660  1.00 49.88  ? 7   DA  A OP1   1 
ATOM   105 O  OP2   . DA  A 1 6  ? 1.669   -11.444 -3.121  1.00 42.75  ? 7   DA  A OP2   1 
ATOM   106 O  "O5'" . DA  A 1 6  ? 2.279   -12.101 -0.824  1.00 44.03  ? 7   DA  A "O5'" 1 
ATOM   107 C  "C5'" . DA  A 1 6  ? 3.026   -12.716 0.208   1.00 39.37  ? 7   DA  A "C5'" 1 
ATOM   108 C  "C4'" . DA  A 1 6  ? 2.504   -12.244 1.547   1.00 45.30  ? 7   DA  A "C4'" 1 
ATOM   109 O  "O4'" . DA  A 1 6  ? 3.179   -11.025 1.958   1.00 43.19  ? 7   DA  A "O4'" 1 
ATOM   110 C  "C3'" . DA  A 1 6  ? 1.021   -11.898 1.623   1.00 47.58  ? 7   DA  A "C3'" 1 
ATOM   111 O  "O3'" . DA  A 1 6  ? 0.655   -12.027 2.993   1.00 52.13  ? 7   DA  A "O3'" 1 
ATOM   112 C  "C2'" . DA  A 1 6  ? 1.011   -10.425 1.272   1.00 48.68  ? 7   DA  A "C2'" 1 
ATOM   113 C  "C1'" . DA  A 1 6  ? 2.299   -9.928  1.920   1.00 42.79  ? 7   DA  A "C1'" 1 
ATOM   114 N  N9    . DA  A 1 6  ? 3.007   -8.864  1.233   1.00 42.20  ? 7   DA  A N9    1 
ATOM   115 C  C8    . DA  A 1 6  ? 3.130   -8.563  -0.102  1.00 42.76  ? 7   DA  A C8    1 
ATOM   116 N  N7    . DA  A 1 6  ? 3.989   -7.599  -0.346  1.00 41.80  ? 7   DA  A N7    1 
ATOM   117 C  C5    . DA  A 1 6  ? 4.490   -7.279  0.909   1.00 38.43  ? 7   DA  A C5    1 
ATOM   118 C  C6    . DA  A 1 6  ? 5.422   -6.332  1.334   1.00 40.38  ? 7   DA  A C6    1 
ATOM   119 N  N6    . DA  A 1 6  ? 6.048   -5.494  0.512   1.00 42.90  ? 7   DA  A N6    1 
ATOM   120 N  N1    . DA  A 1 6  ? 5.680   -6.253  2.656   1.00 40.15  ? 7   DA  A N1    1 
ATOM   121 C  C2    . DA  A 1 6  ? 5.048   -7.088  3.483   1.00 44.47  ? 7   DA  A C2    1 
ATOM   122 N  N3    . DA  A 1 6  ? 4.159   -8.033  3.202   1.00 47.02  ? 7   DA  A N3    1 
ATOM   123 C  C4    . DA  A 1 6  ? 3.910   -8.065  1.883   1.00 43.22  ? 7   DA  A C4    1 
ATOM   124 P  P     . DA  A 1 7  ? -0.864  -12.182 3.472   1.00 58.93  ? 8   DA  A P     1 
ATOM   125 O  OP1   . DA  A 1 7  ? -0.875  -13.141 4.596   1.00 62.80  ? 8   DA  A OP1   1 
ATOM   126 O  OP2   . DA  A 1 7  ? -1.760  -12.413 2.309   1.00 51.49  ? 8   DA  A OP2   1 
ATOM   127 O  "O5'" . DA  A 1 7  ? -1.167  -10.726 4.042   1.00 55.86  ? 8   DA  A "O5'" 1 
ATOM   128 C  "C5'" . DA  A 1 7  ? -0.576  -10.273 5.270   1.00 62.61  ? 8   DA  A "C5'" 1 
ATOM   129 C  "C4'" . DA  A 1 7  ? -0.814  -8.792  5.442   1.00 60.14  ? 8   DA  A "C4'" 1 
ATOM   130 O  "O4'" . DA  A 1 7  ? 0.104   -8.086  4.555   1.00 56.69  ? 8   DA  A "O4'" 1 
ATOM   131 C  "C3'" . DA  A 1 7  ? -2.226  -8.348  5.030   1.00 63.11  ? 8   DA  A "C3'" 1 
ATOM   132 O  "O3'" . DA  A 1 7  ? -2.774  -7.234  5.782   1.00 72.57  ? 8   DA  A "O3'" 1 
ATOM   133 C  "C2'" . DA  A 1 7  ? -1.990  -7.853  3.614   1.00 57.94  ? 8   DA  A "C2'" 1 
ATOM   134 C  "C1'" . DA  A 1 7  ? -0.665  -7.161  3.838   1.00 50.54  ? 8   DA  A "C1'" 1 
ATOM   135 N  N9    . DA  A 1 7  ? 0.064   -6.713  2.660   1.00 44.66  ? 8   DA  A N9    1 
ATOM   136 C  C8    . DA  A 1 7  ? -0.278  -6.882  1.342   1.00 45.75  ? 8   DA  A C8    1 
ATOM   137 N  N7    . DA  A 1 7  ? 0.502   -6.234  0.509   1.00 44.42  ? 8   DA  A N7    1 
ATOM   138 C  C5    . DA  A 1 7  ? 1.331   -5.499  1.340   1.00 39.35  ? 8   DA  A C5    1 
ATOM   139 C  C6    . DA  A 1 7  ? 2.359   -4.591  1.072   1.00 43.11  ? 8   DA  A C6    1 
ATOM   140 N  N6    . DA  A 1 7  ? 2.736   -4.255  -0.159  1.00 43.68  ? 8   DA  A N6    1 
ATOM   141 N  N1    . DA  A 1 7  ? 3.009   -4.046  2.123   1.00 39.59  ? 8   DA  A N1    1 
ATOM   142 C  C2    . DA  A 1 7  ? 2.643   -4.409  3.358   1.00 45.06  ? 8   DA  A C2    1 
ATOM   143 N  N3    . DA  A 1 7  ? 1.684   -5.251  3.737   1.00 46.23  ? 8   DA  A N3    1 
ATOM   144 C  C4    . DA  A 1 7  ? 1.072   -5.781  2.667   1.00 40.50  ? 8   DA  A C4    1 
ATOM   145 P  P     . DA  A 1 8  ? -3.739  -7.438  7.070   1.00 74.82  ? 9   DA  A P     1 
ATOM   146 O  OP1   . DA  A 1 8  ? -3.253  -8.614  7.846   1.00 73.40  ? 9   DA  A OP1   1 
ATOM   147 O  OP2   . DA  A 1 8  ? -5.162  -7.371  6.644   1.00 67.89  ? 9   DA  A OP2   1 
ATOM   148 O  "O5'" . DA  A 1 8  ? -3.363  -6.166  7.939   1.00 74.84  ? 9   DA  A "O5'" 1 
ATOM   149 C  "C5'" . DA  A 1 8  ? -2.121  -6.152  8.662   1.00 74.08  ? 9   DA  A "C5'" 1 
ATOM   150 C  "C4'" . DA  A 1 8  ? -1.515  -4.772  8.628   1.00 77.79  ? 9   DA  A "C4'" 1 
ATOM   151 O  "O4'" . DA  A 1 8  ? -1.010  -4.514  7.298   1.00 77.26  ? 9   DA  A "O4'" 1 
ATOM   152 C  "C3'" . DA  A 1 8  ? -2.488  -3.632  8.949   1.00 87.08  ? 9   DA  A "C3'" 1 
ATOM   153 O  "O3'" . DA  A 1 8  ? -1.832  -2.760  9.891   1.00 99.53  ? 9   DA  A "O3'" 1 
ATOM   154 C  "C2'" . DA  A 1 8  ? -2.810  -3.047  7.579   1.00 80.41  ? 9   DA  A "C2'" 1 
ATOM   155 C  "C1'" . DA  A 1 8  ? -1.511  -3.274  6.817   1.00 72.96  ? 9   DA  A "C1'" 1 
ATOM   156 N  N9    . DA  A 1 8  ? -1.596  -3.359  5.353   1.00 59.39  ? 9   DA  A N9    1 
ATOM   157 C  C8    . DA  A 1 8  ? -2.450  -4.124  4.596   1.00 57.89  ? 9   DA  A C8    1 
ATOM   158 N  N7    . DA  A 1 8  ? -2.259  -4.007  3.305   1.00 55.79  ? 9   DA  A N7    1 
ATOM   159 C  C5    . DA  A 1 8  ? -1.196  -3.119  3.205   1.00 48.87  ? 9   DA  A C5    1 
ATOM   160 C  C6    . DA  A 1 8  ? -0.523  -2.574  2.103   1.00 45.93  ? 9   DA  A C6    1 
ATOM   161 N  N6    . DA  A 1 8  ? -0.802  -2.884  0.843   1.00 48.70  ? 9   DA  A N6    1 
ATOM   162 N  N1    . DA  A 1 8  ? 0.486   -1.714  2.343   1.00 53.86  ? 9   DA  A N1    1 
ATOM   163 C  C2    . DA  A 1 8  ? 0.781   -1.413  3.614   1.00 57.80  ? 9   DA  A C2    1 
ATOM   164 N  N3    . DA  A 1 8  ? 0.213   -1.850  4.733   1.00 54.99  ? 9   DA  A N3    1 
ATOM   165 C  C4    . DA  A 1 8  ? -0.784  -2.706  4.457   1.00 52.79  ? 9   DA  A C4    1 
ATOM   166 P  P     . DT  A 1 9  ? -2.620  -1.577  10.667  1.00 100.92 ? 10  DT  A P     1 
ATOM   167 O  OP1   . DT  A 1 9  ? -2.427  -1.795  12.135  1.00 104.13 ? 10  DT  A OP1   1 
ATOM   168 O  OP2   . DT  A 1 9  ? -4.004  -1.491  10.122  1.00 85.62  ? 10  DT  A OP2   1 
ATOM   169 O  "O5'" . DT  A 1 9  ? -1.809  -0.281  10.199  1.00 89.43  ? 10  DT  A "O5'" 1 
ATOM   170 C  "C5'" . DT  A 1 9  ? -0.755  -0.393  9.206   1.00 85.28  ? 10  DT  A "C5'" 1 
ATOM   171 C  "C4'" . DT  A 1 9  ? -0.376  0.936   8.586   1.00 85.17  ? 10  DT  A "C4'" 1 
ATOM   172 O  "O4'" . DT  A 1 9  ? -0.382  0.853   7.134   1.00 78.37  ? 10  DT  A "O4'" 1 
ATOM   173 C  "C3'" . DT  A 1 9  ? -1.264  2.126   8.937   1.00 82.48  ? 10  DT  A "C3'" 1 
ATOM   174 O  "O3'" . DT  A 1 9  ? -0.369  3.212   9.197   1.00 86.37  ? 10  DT  A "O3'" 1 
ATOM   175 C  "C2'" . DT  A 1 9  ? -2.166  2.255   7.716   1.00 74.57  ? 10  DT  A "C2'" 1 
ATOM   176 C  "C1'" . DT  A 1 9  ? -1.265  1.809   6.574   1.00 66.38  ? 10  DT  A "C1'" 1 
ATOM   177 N  N1    . DT  A 1 9  ? -1.938  1.181   5.419   1.00 59.78  ? 10  DT  A N1    1 
ATOM   178 C  C2    . DT  A 1 9  ? -1.465  1.450   4.153   1.00 61.82  ? 10  DT  A C2    1 
ATOM   179 O  O2    . DT  A 1 9  ? -0.517  2.189   3.935   1.00 65.52  ? 10  DT  A O2    1 
ATOM   180 N  N3    . DT  A 1 9  ? -2.148  0.819   3.140   1.00 54.78  ? 10  DT  A N3    1 
ATOM   181 C  C4    . DT  A 1 9  ? -3.212  -0.050  3.268   1.00 56.01  ? 10  DT  A C4    1 
ATOM   182 O  O4    . DT  A 1 9  ? -3.719  -0.551  2.271   1.00 51.44  ? 10  DT  A O4    1 
ATOM   183 C  C5    . DT  A 1 9  ? -3.646  -0.296  4.620   1.00 54.13  ? 10  DT  A C5    1 
ATOM   184 C  C7    . DT  A 1 9  ? -4.801  -1.217  4.849   1.00 59.44  ? 10  DT  A C7    1 
ATOM   185 C  C6    . DT  A 1 9  ? -2.992  0.317   5.617   1.00 56.85  ? 10  DT  A C6    1 
ATOM   186 P  P     . DT  A 1 10 ? -0.883  4.539   9.914   1.00 94.92  ? 11  DT  A P     1 
ATOM   187 O  OP1   . DT  A 1 10 ? -0.110  4.697   11.173  1.00 100.89 ? 11  DT  A OP1   1 
ATOM   188 O  OP2   . DT  A 1 10 ? -2.365  4.460   9.991   1.00 90.65  ? 11  DT  A OP2   1 
ATOM   189 O  "O5'" . DT  A 1 10 ? -0.426  5.666   8.881   1.00 81.90  ? 11  DT  A "O5'" 1 
ATOM   190 C  "C5'" . DT  A 1 10 ? -0.055  5.280   7.536   1.00 86.47  ? 11  DT  A "C5'" 1 
ATOM   191 C  "C4'" . DT  A 1 10 ? -0.042  6.439   6.561   1.00 90.55  ? 11  DT  A "C4'" 1 
ATOM   192 O  "O4'" . DT  A 1 10 ? -0.418  5.951   5.246   1.00 83.34  ? 11  DT  A "O4'" 1 
ATOM   193 C  "C3'" . DT  A 1 10 ? -0.983  7.609   6.864   1.00 97.47  ? 11  DT  A "C3'" 1 
ATOM   194 O  "O3'" . DT  A 1 10 ? -0.370  8.861   6.512   1.00 115.15 ? 11  DT  A "O3'" 1 
ATOM   195 C  "C2'" . DT  A 1 10 ? -2.201  7.311   6.013   1.00 89.16  ? 11  DT  A "C2'" 1 
ATOM   196 C  "C1'" . DT  A 1 10 ? -1.635  6.549   4.819   1.00 82.88  ? 11  DT  A "C1'" 1 
ATOM   197 N  N1    . DT  A 1 10 ? -2.534  5.484   4.342   1.00 71.17  ? 11  DT  A N1    1 
ATOM   198 C  C2    . DT  A 1 10 ? -2.485  5.104   3.018   1.00 69.35  ? 11  DT  A C2    1 
ATOM   199 O  O2    . DT  A 1 10 ? -1.691  5.567   2.217   1.00 75.01  ? 11  DT  A O2    1 
ATOM   200 N  N3    . DT  A 1 10 ? -3.398  4.141   2.668   1.00 69.07  ? 11  DT  A N3    1 
ATOM   201 C  C4    . DT  A 1 10 ? -4.332  3.538   3.492   1.00 69.71  ? 11  DT  A C4    1 
ATOM   202 O  O4    . DT  A 1 10 ? -5.085  2.681   3.040   1.00 66.52  ? 11  DT  A O4    1 
ATOM   203 C  C5    . DT  A 1 10 ? -4.339  3.999   4.859   1.00 67.62  ? 11  DT  A C5    1 
ATOM   204 C  C7    . DT  A 1 10 ? -5.318  3.404   5.820   1.00 67.77  ? 11  DT  A C7    1 
ATOM   205 C  C6    . DT  A 1 10 ? -3.454  4.937   5.210   1.00 67.95  ? 11  DT  A C6    1 
ATOM   206 P  P     . DT  A 1 11 ? -1.246  10.206  6.378   1.00 119.63 ? 12  DT  A P     1 
ATOM   207 O  OP1   . DT  A 1 11 ? -0.417  11.337  6.870   1.00 131.02 ? 12  DT  A OP1   1 
ATOM   208 O  OP2   . DT  A 1 11 ? -2.577  9.961   7.000   1.00 99.80  ? 12  DT  A OP2   1 
ATOM   209 O  "O5'" . DT  A 1 11 ? -1.408  10.372  4.796   1.00 118.94 ? 12  DT  A "O5'" 1 
ATOM   210 C  "C5'" . DT  A 1 11 ? -0.337  10.036  3.873   1.00 110.36 ? 12  DT  A "C5'" 1 
ATOM   211 C  "C4'" . DT  A 1 11 ? -0.746  10.269  2.432   1.00 104.83 ? 12  DT  A "C4'" 1 
ATOM   212 O  "O4'" . DT  A 1 11 ? -1.649  9.230   1.976   1.00 92.72  ? 12  DT  A "O4'" 1 
ATOM   213 C  "C3'" . DT  A 1 11 ? -1.460  11.593  2.146   1.00 99.93  ? 12  DT  A "C3'" 1 
ATOM   214 O  "O3'" . DT  A 1 11 ? -1.071  12.120  0.866   1.00 96.51  ? 12  DT  A "O3'" 1 
ATOM   215 C  "C2'" . DT  A 1 11 ? -2.927  11.206  2.190   1.00 93.72  ? 12  DT  A "C2'" 1 
ATOM   216 C  "C1'" . DT  A 1 11 ? -2.913  9.788   1.630   1.00 85.99  ? 12  DT  A "C1'" 1 
ATOM   217 N  N1    . DT  A 1 11 ? -3.959  8.891   2.155   1.00 71.02  ? 12  DT  A N1    1 
ATOM   218 C  C2    . DT  A 1 11 ? -4.638  8.086   1.269   1.00 64.65  ? 12  DT  A C2    1 
ATOM   219 O  O2    . DT  A 1 11 ? -4.424  8.084   0.070   1.00 69.29  ? 12  DT  A O2    1 
ATOM   220 N  N3    . DT  A 1 11 ? -5.581  7.274   1.843   1.00 63.35  ? 12  DT  A N3    1 
ATOM   221 C  C4    . DT  A 1 11 ? -5.894  7.179   3.184   1.00 65.86  ? 12  DT  A C4    1 
ATOM   222 O  O4    . DT  A 1 11 ? -6.752  6.387   3.557   1.00 70.56  ? 12  DT  A O4    1 
ATOM   223 C  C5    . DT  A 1 11 ? -5.142  8.048   4.056   1.00 70.75  ? 12  DT  A C5    1 
ATOM   224 C  C7    . DT  A 1 11 ? -5.419  8.018   5.525   1.00 70.88  ? 12  DT  A C7    1 
ATOM   225 C  C6    . DT  A 1 11 ? -4.221  8.847   3.506   1.00 65.87  ? 12  DT  A C6    1 
ATOM   226 P  P     . DC  A 1 12 ? -1.509  13.605  0.426   1.00 93.38  ? 13  DC  A P     1 
ATOM   227 O  OP1   . DC  A 1 12 ? -0.493  14.122  -0.528  1.00 83.96  ? 13  DC  A OP1   1 
ATOM   228 O  OP2   . DC  A 1 12 ? -1.907  14.379  1.641   1.00 72.95  ? 13  DC  A OP2   1 
ATOM   229 O  "O5'" . DC  A 1 12 ? -2.839  13.366  -0.410  1.00 91.52  ? 13  DC  A "O5'" 1 
ATOM   230 C  "C5'" . DC  A 1 12 ? -2.832  12.541  -1.584  1.00 88.90  ? 13  DC  A "C5'" 1 
ATOM   231 C  "C4'" . DC  A 1 12 ? -4.248  12.408  -2.084  1.00 76.75  ? 13  DC  A "C4'" 1 
ATOM   232 O  "O4'" . DC  A 1 12 ? -5.005  11.560  -1.191  1.00 79.31  ? 13  DC  A "O4'" 1 
ATOM   233 C  "C3'" . DC  A 1 12 ? -5.002  13.732  -2.124  1.00 72.46  ? 13  DC  A "C3'" 1 
ATOM   234 O  "O3'" . DC  A 1 12 ? -5.750  13.711  -3.326  1.00 70.49  ? 13  DC  A "O3'" 1 
ATOM   235 C  "C2'" . DC  A 1 12 ? -5.890  13.681  -0.892  1.00 67.43  ? 13  DC  A "C2'" 1 
ATOM   236 C  "C1'" . DC  A 1 12 ? -6.224  12.212  -0.872  1.00 67.88  ? 13  DC  A "C1'" 1 
ATOM   237 N  N1    . DC  A 1 12 ? -6.748  11.618  0.373   1.00 60.93  ? 13  DC  A N1    1 
ATOM   238 C  C2    . DC  A 1 12 ? -7.529  10.467  0.262   1.00 57.35  ? 13  DC  A C2    1 
ATOM   239 O  O2    . DC  A 1 12 ? -7.761  10.013  -0.866  1.00 61.87  ? 13  DC  A O2    1 
ATOM   240 N  N3    . DC  A 1 12 ? -8.023  9.889   1.378   1.00 57.27  ? 13  DC  A N3    1 
ATOM   241 C  C4    . DC  A 1 12 ? -7.742  10.406  2.574   1.00 61.39  ? 13  DC  A C4    1 
ATOM   242 N  N4    . DC  A 1 12 ? -8.247  9.799   3.649   1.00 66.82  ? 13  DC  A N4    1 
ATOM   243 C  C5    . DC  A 1 12 ? -6.931  11.568  2.721   1.00 59.21  ? 13  DC  A C5    1 
ATOM   244 C  C6    . DC  A 1 12 ? -6.460  12.138  1.603   1.00 60.13  ? 13  DC  A C6    1 
ATOM   245 P  P     . DC  A 1 13 ? -5.815  14.993  -4.234  1.00 83.81  ? 14  DC  A P     1 
ATOM   246 O  OP1   . DC  A 1 13 ? -4.454  15.243  -4.808  1.00 83.76  ? 14  DC  A OP1   1 
ATOM   247 O  OP2   . DC  A 1 13 ? -6.489  16.063  -3.458  1.00 70.55  ? 14  DC  A OP2   1 
ATOM   248 O  "O5'" . DC  A 1 13 ? -6.809  14.505  -5.373  1.00 73.46  ? 14  DC  A "O5'" 1 
ATOM   249 C  "C5'" . DC  A 1 13 ? -6.720  13.168  -5.889  1.00 71.66  ? 14  DC  A "C5'" 1 
ATOM   250 C  "C4'" . DC  A 1 13 ? -8.076  12.498  -5.866  1.00 69.16  ? 14  DC  A "C4'" 1 
ATOM   251 O  "O4'" . DC  A 1 13 ? -8.420  12.151  -4.511  1.00 66.03  ? 14  DC  A "O4'" 1 
ATOM   252 C  "C3'" . DC  A 1 13 ? -9.248  13.319  -6.414  1.00 64.90  ? 14  DC  A "C3'" 1 
ATOM   253 O  "O3'" . DC  A 1 13 ? -9.723  12.606  -7.558  1.00 66.26  ? 14  DC  A "O3'" 1 
ATOM   254 C  "C2'" . DC  A 1 13 ? -10.239 13.391  -5.258  1.00 66.20  ? 14  DC  A "C2'" 1 
ATOM   255 C  "C1'" . DC  A 1 13 ? -9.821  12.246  -4.350  1.00 58.46  ? 14  DC  A "C1'" 1 
ATOM   256 N  N1    . DC  A 1 13 ? -10.089 12.365  -2.897  1.00 54.05  ? 14  DC  A N1    1 
ATOM   257 C  C2    . DC  A 1 13 ? -10.702 11.295  -2.240  1.00 48.19  ? 14  DC  A C2    1 
ATOM   258 O  O2    . DC  A 1 13 ? -11.123 10.344  -2.909  1.00 56.20  ? 14  DC  A O2    1 
ATOM   259 N  N3    . DC  A 1 13 ? -10.884 11.354  -0.904  1.00 48.64  ? 14  DC  A N3    1 
ATOM   260 C  C4    . DC  A 1 13 ? -10.475 12.423  -0.224  1.00 48.95  ? 14  DC  A C4    1 
ATOM   261 N  N4    . DC  A 1 13 ? -10.682 12.437  1.093   1.00 49.54  ? 14  DC  A N4    1 
ATOM   262 C  C5    . DC  A 1 13 ? -9.798  13.505  -0.857  1.00 49.47  ? 14  DC  A C5    1 
ATOM   263 C  C6    . DC  A 1 13 ? -9.623  13.433  -2.184  1.00 51.79  ? 14  DC  A C6    1 
ATOM   264 P  P     . DA  A 1 14 ? -10.823 13.228  -8.556  1.00 79.85  ? 15  DA  A P     1 
ATOM   265 O  OP1   . DA  A 1 14 ? -10.447 12.841  -9.944  1.00 77.44  ? 15  DA  A OP1   1 
ATOM   266 O  OP2   . DA  A 1 14 ? -11.033 14.661  -8.216  1.00 74.11  ? 15  DA  A OP2   1 
ATOM   267 O  "O5'" . DA  A 1 14 ? -12.132 12.408  -8.174  1.00 70.19  ? 15  DA  A "O5'" 1 
ATOM   268 C  "C5'" . DA  A 1 14 ? -12.004 11.029  -7.825  1.00 62.49  ? 15  DA  A "C5'" 1 
ATOM   269 C  "C4'" . DA  A 1 14 ? -13.369 10.412  -7.663  1.00 60.48  ? 15  DA  A "C4'" 1 
ATOM   270 O  "O4'" . DA  A 1 14 ? -13.803 10.511  -6.283  1.00 54.04  ? 15  DA  A "O4'" 1 
ATOM   271 C  "C3'" . DA  A 1 14 ? -14.464 11.093  -8.468  1.00 53.24  ? 15  DA  A "C3'" 1 
ATOM   272 O  "O3'" . DA  A 1 14 ? -15.384 10.009  -8.618  1.00 52.40  ? 15  DA  A "O3'" 1 
ATOM   273 C  "C2'" . DA  A 1 14 ? -14.882 12.213  -7.530  1.00 54.22  ? 15  DA  A "C2'" 1 
ATOM   274 C  "C1'" . DA  A 1 14 ? -14.757 11.560  -6.150  1.00 49.71  ? 15  DA  A "C1'" 1 
ATOM   275 N  N9    . DA  A 1 14 ? -14.327 12.396  -5.033  1.00 45.46  ? 15  DA  A N9    1 
ATOM   276 C  C8    . DA  A 1 14 ? -13.555 13.527  -5.016  1.00 45.38  ? 15  DA  A C8    1 
ATOM   277 N  N7    . DA  A 1 14 ? -13.281 13.960  -3.807  1.00 46.65  ? 15  DA  A N7    1 
ATOM   278 C  C5    . DA  A 1 14 ? -13.890 13.033  -2.975  1.00 40.13  ? 15  DA  A C5    1 
ATOM   279 C  C6    . DA  A 1 14 ? -13.971 12.922  -1.579  1.00 43.97  ? 15  DA  A C6    1 
ATOM   280 N  N6    . DA  A 1 14 ? -13.435 13.802  -0.731  1.00 40.30  ? 15  DA  A N6    1 
ATOM   281 N  N1    . DA  A 1 14 ? -14.661 11.877  -1.072  1.00 42.26  ? 15  DA  A N1    1 
ATOM   282 C  C2    . DA  A 1 14 ? -15.198 10.994  -1.915  1.00 43.08  ? 15  DA  A C2    1 
ATOM   283 N  N3    . DA  A 1 14 ? -15.210 11.003  -3.244  1.00 45.98  ? 15  DA  A N3    1 
ATOM   284 C  C4    . DA  A 1 14 ? -14.529 12.059  -3.716  1.00 42.80  ? 15  DA  A C4    1 
ATOM   285 P  P     . DG  A 1 15 ? -16.730 10.154  -9.448  1.00 56.75  ? 16  DG  A P     1 
ATOM   286 O  OP1   . DG  A 1 15 ? -17.130 8.803   -9.896  1.00 54.61  ? 16  DG  A OP1   1 
ATOM   287 O  OP2   . DG  A 1 15 ? -16.557 11.233  -10.461 1.00 52.36  ? 16  DG  A OP2   1 
ATOM   288 O  "O5'" . DG  A 1 15 ? -17.741 10.588  -8.298  1.00 51.98  ? 16  DG  A "O5'" 1 
ATOM   289 C  "C5'" . DG  A 1 15 ? -18.040 9.665   -7.232  1.00 51.06  ? 16  DG  A "C5'" 1 
ATOM   290 C  "C4'" . DG  A 1 15 ? -18.993 10.301  -6.250  1.00 50.31  ? 16  DG  A "C4'" 1 
ATOM   291 O  "O4'" . DG  A 1 15 ? -18.246 11.153  -5.340  1.00 46.92  ? 16  DG  A "O4'" 1 
ATOM   292 C  "C3'" . DG  A 1 15 ? -20.071 11.190  -6.891  1.00 50.41  ? 16  DG  A "C3'" 1 
ATOM   293 O  "O3'" . DG  A 1 15 ? -21.391 10.694  -6.555  1.00 54.38  ? 16  DG  A "O3'" 1 
ATOM   294 C  "C2'" . DG  A 1 15 ? -19.661 12.589  -6.457  1.00 48.67  ? 16  DG  A "C2'" 1 
ATOM   295 C  "C1'" . DG  A 1 15 ? -19.013 12.313  -5.117  1.00 45.35  ? 16  DG  A "C1'" 1 
ATOM   296 N  N9    . DG  A 1 15 ? -18.138 13.338  -4.552  1.00 43.84  ? 16  DG  A N9    1 
ATOM   297 C  C8    . DG  A 1 15 ? -17.392 14.285  -5.211  1.00 42.82  ? 16  DG  A C8    1 
ATOM   298 N  N7    . DG  A 1 15 ? -16.703 15.046  -4.402  1.00 42.70  ? 16  DG  A N7    1 
ATOM   299 C  C5    . DG  A 1 15 ? -16.991 14.550  -3.138  1.00 40.18  ? 16  DG  A C5    1 
ATOM   300 C  C6    . DG  A 1 15 ? -16.544 14.971  -1.867  1.00 43.86  ? 16  DG  A C6    1 
ATOM   301 O  O6    . DG  A 1 15 ? -15.767 15.891  -1.589  1.00 58.27  ? 16  DG  A O6    1 
ATOM   302 N  N1    . DG  A 1 15 ? -17.098 14.204  -0.850  1.00 40.70  ? 16  DG  A N1    1 
ATOM   303 C  C2    . DG  A 1 15 ? -17.978 13.173  -1.032  1.00 44.75  ? 16  DG  A C2    1 
ATOM   304 N  N2    . DG  A 1 15 ? -18.401 12.553  0.080   1.00 47.23  ? 16  DG  A N2    1 
ATOM   305 N  N3    . DG  A 1 15 ? -18.401 12.766  -2.213  1.00 39.45  ? 16  DG  A N3    1 
ATOM   306 C  C4    . DG  A 1 15 ? -17.879 13.501  -3.214  1.00 44.89  ? 16  DG  A C4    1 
ATOM   307 P  P     . DC  A 1 16 ? -22.723 11.409  -7.062  1.00 52.78  ? 17  DC  A P     1 
ATOM   308 O  OP1   . DC  A 1 16 ? -23.902 10.522  -6.783  1.00 41.08  ? 17  DC  A OP1   1 
ATOM   309 O  OP2   . DC  A 1 16 ? -22.509 11.918  -8.435  1.00 43.63  ? 17  DC  A OP2   1 
ATOM   310 O  "O5'" . DC  A 1 16 ? -22.751 12.683  -6.135  1.00 49.08  ? 17  DC  A "O5'" 1 
ATOM   311 C  "C5'" . DC  A 1 16 ? -23.805 12.878  -5.195  1.00 56.53  ? 17  DC  A "C5'" 1 
ATOM   312 C  "C4'" . DC  A 1 16 ? -23.248 12.662  -3.816  1.00 49.94  ? 17  DC  A "C4'" 1 
ATOM   313 O  "O4'" . DC  A 1 16 ? -21.980 13.339  -3.780  1.00 49.24  ? 17  DC  A "O4'" 1 
ATOM   314 C  "C3'" . DC  A 1 16 ? -24.099 13.265  -2.705  1.00 51.44  ? 17  DC  A "C3'" 1 
ATOM   315 O  "O3'" . DC  A 1 16 ? -24.425 12.243  -1.765  1.00 60.98  ? 17  DC  A "O3'" 1 
ATOM   316 C  "C2'" . DC  A 1 16 ? -23.236 14.370  -2.121  1.00 47.40  ? 17  DC  A "C2'" 1 
ATOM   317 C  "C1'" . DC  A 1 16 ? -21.846 14.018  -2.563  1.00 44.26  ? 17  DC  A "C1'" 1 
ATOM   318 N  N1    . DC  A 1 16 ? -20.926 15.147  -2.782  1.00 39.48  ? 17  DC  A N1    1 
ATOM   319 C  C2    . DC  A 1 16 ? -20.328 15.701  -1.669  1.00 40.09  ? 17  DC  A C2    1 
ATOM   320 O  O2    . DC  A 1 16 ? -20.599 15.232  -0.558  1.00 45.12  ? 17  DC  A O2    1 
ATOM   321 N  N3    . DC  A 1 16 ? -19.445 16.709  -1.821  1.00 38.55  ? 17  DC  A N3    1 
ATOM   322 C  C4    . DC  A 1 16 ? -19.151 17.157  -3.041  1.00 39.73  ? 17  DC  A C4    1 
ATOM   323 N  N4    . DC  A 1 16 ? -18.258 18.146  -3.144  1.00 40.67  ? 17  DC  A N4    1 
ATOM   324 C  C5    . DC  A 1 16 ? -19.764 16.621  -4.202  1.00 36.63  ? 17  DC  A C5    1 
ATOM   325 C  C6    . DC  A 1 16 ? -20.632 15.617  -4.031  1.00 41.69  ? 17  DC  A C6    1 
HETATM 326 CA CA    . CA  B 2 .  ? -25.757 9.855   -6.895  0.33 44.47  2 101 CA  A CA    1 
HETATM 327 CA CA    . CA  C 2 .  ? 3.267   -15.453 -3.009  0.33 57.31  2 102 CA  A CA    1 
HETATM 328 CA CA    . CA  D 2 .  ? -0.415  -12.242 -3.502  0.33 50.81  2 103 CA  A CA    1 
HETATM 329 CA CA    . CA  E 2 .  ? -18.840 7.303   -10.725 1.00 71.20  2 104 CA  A CA    1 
HETATM 330 CA CA    . CA  F 2 .  ? 3.252   -9.759  7.383   1.00 85.35  2 105 CA  A CA    1 
HETATM 331 CA CA    . CA  G 2 .  ? -4.684  -10.880 1.965   1.00 96.76  2 106 CA  A CA    1 
HETATM 332 O  O     . HOH H 3 .  ? 20.745  -11.119 -4.933  1.00 45.85  ? 201 HOH A O     1 
HETATM 333 O  O     . HOH H 3 .  ? 20.977  -5.817  -2.988  1.00 54.95  ? 202 HOH A O     1 
HETATM 334 O  O     . HOH H 3 .  ? 18.351  -6.836  -1.985  1.00 67.52  ? 203 HOH A O     1 
HETATM 335 O  O     . HOH H 3 .  ? -11.269 13.505  -11.831 1.00 61.25  ? 204 HOH A O     1 
HETATM 336 O  O     . HOH H 3 .  ? 20.806  -6.923  -5.202  1.00 44.82  ? 205 HOH A O     1 
HETATM 337 O  O     . HOH H 3 .  ? -5.994  -2.513  11.005  1.00 54.44  ? 206 HOH A O     1 
HETATM 338 O  O     . HOH H 3 .  ? 8.771   -15.362 -7.412  1.00 103.83 ? 207 HOH A O     1 
HETATM 339 O  O     . HOH H 3 .  ? 0.867   -14.598 5.488   1.00 63.15  ? 208 HOH A O     1 
HETATM 340 O  O     . HOH H 3 .  ? 13.225  -6.494  -0.265  1.00 60.06  ? 209 HOH A O     1 
HETATM 341 O  O     . HOH H 3 .  ? -17.162 7.503   -12.012 1.00 87.35  ? 210 HOH A O     1 
HETATM 342 O  O     . HOH H 3 .  ? 6.477   -11.033 1.499   1.00 53.14  ? 211 HOH A O     1 
HETATM 343 O  O     . HOH H 3 .  ? -2.625  16.832  -4.015  0.33 2.14   ? 212 HOH A O     1 
HETATM 344 O  O     . HOH H 3 .  ? 24.838  -5.958  -1.365  0.33 52.76  ? 213 HOH A O     1 
HETATM 345 O  O     . HOH H 3 .  ? -3.961  -12.532 0.968   1.00 36.41  ? 214 HOH A O     1 
HETATM 346 O  O     . HOH H 3 .  ? -17.454 10.025  -12.697 1.00 71.97  ? 215 HOH A O     1 
HETATM 347 O  O     . HOH H 3 .  ? 4.602   -15.341 -1.249  1.00 54.94  ? 216 HOH A O     1 
HETATM 348 O  O     . HOH H 3 .  ? -2.762  -10.710 0.390   1.00 53.39  ? 217 HOH A O     1 
HETATM 349 O  O     . HOH H 3 .  ? 14.615  -8.539  -9.908  1.00 72.96  ? 218 HOH A O     1 
HETATM 350 O  O     . HOH H 3 .  ? -18.729 10.009  -2.691  1.00 49.59  ? 219 HOH A O     1 
HETATM 351 O  O     . HOH H 3 .  ? 5.655   -16.000 -7.502  1.00 53.33  ? 220 HOH A O     1 
HETATM 352 O  O     . HOH H 3 .  ? -26.289 11.432  -8.138  1.00 44.81  ? 221 HOH A O     1 
HETATM 353 O  O     . HOH H 3 .  ? -20.728 13.946  -9.709  1.00 52.33  ? 222 HOH A O     1 
HETATM 354 O  O     . HOH H 3 .  ? -16.446 8.467   -4.315  1.00 61.57  ? 223 HOH A O     1 
HETATM 355 O  O     . HOH H 3 .  ? -4.053  -14.379 2.324   1.00 59.01  ? 224 HOH A O     1 
HETATM 356 O  O     . HOH H 3 .  ? 20.804  -7.247  -7.679  1.00 58.98  ? 225 HOH A O     1 
HETATM 357 O  O     . HOH H 3 .  ? -4.375  9.286   -3.399  1.00 61.89  ? 226 HOH A O     1 
HETATM 358 O  O     . HOH H 3 .  ? -2.874  18.206  -5.076  0.33 58.81  ? 227 HOH A O     1 
HETATM 359 O  O     A HOH H 3 .  ? -19.597 8.766   -12.212 0.50 22.47  ? 228 HOH A O     1 
HETATM 360 O  O     B HOH H 3 .  ? -20.716 9.809   -11.315 0.50 25.87  ? 228 HOH A O     1 
HETATM 361 O  O     . HOH H 3 .  ? 12.847  -5.269  -2.479  1.00 68.58  ? 229 HOH A O     1 
HETATM 362 O  O     . HOH H 3 .  ? -1.172  -10.196 -1.598  1.00 38.01  ? 230 HOH A O     1 
HETATM 363 O  O     . HOH H 3 .  ? 18.989  -9.980  7.862   1.00 53.03  ? 231 HOH A O     1 
HETATM 364 O  O     A HOH H 3 .  ? -20.561 8.201   -10.228 0.50 19.35  ? 232 HOH A O     1 
HETATM 365 O  O     B HOH H 3 .  ? -21.324 9.299   -9.704  0.50 29.22  ? 232 HOH A O     1 
HETATM 366 O  O     . HOH H 3 .  ? -21.022 7.414   -8.454  1.00 53.89  ? 233 HOH A O     1 
HETATM 367 O  O     . HOH H 3 .  ? -6.203  8.619   -4.085  1.00 56.51  ? 234 HOH A O     1 
HETATM 368 O  O     . HOH H 3 .  ? 4.660   -11.033 5.945   1.00 54.41  ? 235 HOH A O     1 
HETATM 369 O  O     . HOH H 3 .  ? 2.202   -11.613 7.045   1.00 61.83  ? 236 HOH A O     1 
HETATM 370 O  O     . HOH H 3 .  ? 3.096   -7.692  8.124   1.00 68.88  ? 237 HOH A O     1 
HETATM 371 O  O     . HOH H 3 .  ? 1.421   17.764  2.445   1.00 70.11  ? 238 HOH A O     1 
# 
